data_1PZ2
#
_entry.id   1PZ2
#
_cell.length_a   179.430
_cell.length_b   179.430
_cell.length_c   100.231
_cell.angle_alpha   90.00
_cell.angle_beta   90.00
_cell.angle_gamma   120.00
#
_symmetry.space_group_name_H-M   'H 3'
#
loop_
_entity.id
_entity.type
_entity.pdbx_description
1 polymer Alpha-L-arabinofuranosidase
2 non-polymer alpha-L-arabinofuranose
3 water water
#
_entity_poly.entity_id   1
_entity_poly.type   'polypeptide(L)'
_entity_poly.pdbx_seq_one_letter_code
;MATKKATMIIEKDFKIAEIDKRIYGSFIEHLGRAVYGGIYEPGHPQADENGFRQDVIELVKELQVPIIRYPGGNFVSGYN
WEDGVGPKEQRPRRLDLAWKSVETNEIGLNEFMDWAKMVGAEVNMAVNLGTRGIDAARNLVEYCNHPSGSYYSDLRIAHG
YKEPHKIKTWCLGNAMDGPWQIGHKTAVEYGRIACEAAKVMKWVDPTIELVVCGSSNRNMPTFAEWEATVLDHTYDHVDY
ISLHQYYGNRDNDTANYLALSLEMDDFIRSVVAIADYVKAKKRSKKTIHLSFDEWNVWYHSNEADKLIEPWTVAPPLLED
IYNFEDALLVGCMLITLMKHADRVKIACLAQLVNVIAPIMTEKNGPAWKQTIYYPFMHASVYGRGVALHPVISSPKYDSK
DFTDVPYLESIAVYNEEKEEVTIFAVNRDMEDALLLECDVRSFEDYRVIEHIVLEHDNVKQTNSAQSSPVVPHRNGDAQL
SDRKVSATLPKLSWNVIRLGKR
;
_entity_poly.pdbx_strand_id   A,B
#
# COMPACT_ATOMS: atom_id res chain seq x y z
N LYS A 5 -4.58 17.21 -25.40
CA LYS A 5 -5.53 17.56 -24.34
C LYS A 5 -5.30 16.65 -23.10
N ALA A 6 -5.42 17.23 -21.91
CA ALA A 6 -5.47 16.47 -20.67
C ALA A 6 -6.64 16.92 -19.83
N THR A 7 -7.30 16.00 -19.12
CA THR A 7 -8.34 16.38 -18.16
C THR A 7 -7.92 16.02 -16.73
N MET A 8 -8.62 16.65 -15.78
CA MET A 8 -8.42 16.47 -14.35
C MET A 8 -9.75 16.70 -13.65
N ILE A 9 -10.02 15.94 -12.59
CA ILE A 9 -11.14 16.24 -11.73
C ILE A 9 -10.56 16.71 -10.41
N ILE A 10 -10.94 17.92 -10.04
CA ILE A 10 -10.57 18.49 -8.77
C ILE A 10 -11.80 18.45 -7.88
N GLU A 11 -11.94 17.35 -7.15
CA GLU A 11 -13.07 17.23 -6.21
C GLU A 11 -12.62 17.26 -4.77
N LYS A 12 -13.22 18.19 -4.03
CA LYS A 12 -12.91 18.50 -2.65
C LYS A 12 -13.02 17.28 -1.73
N ASP A 13 -13.95 16.40 -2.05
CA ASP A 13 -14.20 15.25 -1.20
C ASP A 13 -13.32 14.03 -1.53
N PHE A 14 -12.57 14.04 -2.62
CA PHE A 14 -11.58 12.99 -2.89
C PHE A 14 -10.20 13.42 -2.38
N LYS A 15 -9.96 13.23 -1.08
CA LYS A 15 -8.77 13.78 -0.43
C LYS A 15 -7.71 12.72 -0.24
N ILE A 16 -6.44 13.08 -0.41
CA ILE A 16 -5.34 12.22 0.02
C ILE A 16 -5.15 12.47 1.50
N ALA A 17 -4.80 13.70 1.86
CA ALA A 17 -4.49 14.02 3.25
C ALA A 17 -4.08 15.47 3.41
N GLU A 18 -4.19 15.98 4.63
CA GLU A 18 -3.55 17.22 5.01
C GLU A 18 -2.03 17.05 4.81
N ILE A 19 -1.45 18.03 4.14
CA ILE A 19 -0.03 18.11 3.88
C ILE A 19 0.66 18.59 5.15
N ASP A 20 1.67 17.84 5.57
CA ASP A 20 2.52 18.26 6.70
C ASP A 20 3.45 19.25 6.07
N LYS A 21 3.50 20.48 6.58
CA LYS A 21 4.38 21.53 6.04
C LYS A 21 5.83 21.12 6.07
N ARG A 22 6.16 20.13 6.92
CA ARG A 22 7.54 19.66 7.01
C ARG A 22 7.97 18.90 5.75
N ILE A 23 7.05 18.64 4.80
CA ILE A 23 7.51 18.15 3.49
C ILE A 23 8.23 19.23 2.71
N TYR A 24 8.31 20.45 3.25
CA TYR A 24 9.01 21.54 2.55
C TYR A 24 10.26 21.90 3.34
N GLY A 25 10.78 20.91 4.08
CA GLY A 25 12.01 21.07 4.83
C GLY A 25 13.25 21.05 3.98
N SER A 26 14.38 21.29 4.62
CA SER A 26 15.64 21.22 3.92
C SER A 26 16.72 20.68 4.90
N PHE A 27 17.97 20.93 4.59
CA PHE A 27 19.04 20.18 5.19
C PHE A 27 20.34 20.96 5.06
N ILE A 28 21.03 21.19 6.16
CA ILE A 28 22.37 21.74 6.07
C ILE A 28 23.35 20.79 6.77
N GLU A 29 24.36 20.38 6.04
CA GLU A 29 25.46 19.61 6.60
C GLU A 29 26.73 20.46 6.72
N HIS A 30 27.58 20.05 7.63
CA HIS A 30 28.94 20.50 7.70
C HIS A 30 29.72 19.85 6.57
N LEU A 31 29.57 20.45 5.38
CA LEU A 31 30.04 19.90 4.14
C LEU A 31 30.31 21.10 3.23
N GLY A 32 31.50 21.16 2.65
CA GLY A 32 31.85 22.20 1.70
C GLY A 32 31.62 23.59 2.26
N ARG A 33 30.89 24.40 1.50
CA ARG A 33 30.65 25.81 1.85
C ARG A 33 29.19 26.03 2.35
N ALA A 34 28.56 24.96 2.84
CA ALA A 34 27.17 25.07 3.26
C ALA A 34 27.04 25.91 4.50
N VAL A 35 27.93 25.65 5.46
CA VAL A 35 28.04 26.47 6.65
C VAL A 35 29.01 27.61 6.42
N TYR A 36 30.28 27.29 6.22
CA TYR A 36 31.35 28.29 6.18
C TYR A 36 31.42 28.86 4.76
N GLY A 37 30.99 30.11 4.62
CA GLY A 37 30.78 30.76 3.34
C GLY A 37 29.38 30.65 2.81
N GLY A 38 28.52 29.96 3.57
CA GLY A 38 27.12 29.78 3.21
C GLY A 38 26.23 30.56 4.12
N ILE A 39 25.76 29.91 5.20
CA ILE A 39 24.99 30.62 6.19
C ILE A 39 25.85 31.60 7.00
N TYR A 40 27.15 31.31 7.14
CA TYR A 40 28.08 31.98 8.05
C TYR A 40 29.35 32.49 7.34
N GLU A 41 29.55 33.80 7.33
CA GLU A 41 30.73 34.39 6.72
C GLU A 41 31.01 35.69 7.44
N PRO A 42 31.78 35.60 8.53
CA PRO A 42 32.15 36.77 9.32
C PRO A 42 32.71 37.93 8.47
N GLY A 43 33.56 37.64 7.50
CA GLY A 43 34.03 38.73 6.63
C GLY A 43 33.00 39.60 5.88
N HIS A 44 31.80 39.09 5.65
CA HIS A 44 30.92 39.60 4.61
C HIS A 44 30.26 40.92 4.99
N PRO A 45 30.21 41.87 4.04
CA PRO A 45 29.58 43.17 4.33
C PRO A 45 28.14 43.05 4.71
N GLN A 46 27.45 41.99 4.30
CA GLN A 46 26.06 41.77 4.67
C GLN A 46 25.89 40.82 5.89
N ALA A 47 27.00 40.50 6.58
CA ALA A 47 26.94 39.62 7.77
C ALA A 47 26.32 40.34 8.94
N ASP A 48 25.52 39.66 9.74
CA ASP A 48 24.99 40.29 10.95
C ASP A 48 26.00 40.27 12.10
N GLU A 49 25.56 40.65 13.30
CA GLU A 49 26.43 40.74 14.46
C GLU A 49 27.11 39.42 14.80
N ASN A 50 26.46 38.29 14.48
CA ASN A 50 27.02 36.98 14.78
C ASN A 50 27.65 36.27 13.59
N GLY A 51 27.82 36.98 12.48
CA GLY A 51 28.53 36.44 11.35
C GLY A 51 27.63 35.73 10.34
N PHE A 52 26.32 35.78 10.55
CA PHE A 52 25.39 35.21 9.57
C PHE A 52 25.05 36.14 8.40
N ARG A 53 25.11 35.59 7.18
CA ARG A 53 24.76 36.32 5.97
C ARG A 53 23.29 36.63 5.96
N GLN A 54 22.99 37.91 6.09
CA GLN A 54 21.65 38.39 6.01
C GLN A 54 20.98 38.12 4.65
N ASP A 55 21.70 38.20 3.57
CA ASP A 55 21.16 37.92 2.26
C ASP A 55 20.68 36.48 2.13
N VAL A 56 21.42 35.56 2.74
CA VAL A 56 21.03 34.16 2.73
C VAL A 56 19.86 33.92 3.63
N ILE A 57 19.85 34.60 4.79
CA ILE A 57 18.72 34.56 5.68
C ILE A 57 17.44 34.94 4.95
N GLU A 58 17.46 36.07 4.23
CA GLU A 58 16.26 36.51 3.50
C GLU A 58 15.84 35.51 2.45
N LEU A 59 16.79 34.92 1.74
CA LEU A 59 16.46 33.95 0.69
C LEU A 59 15.85 32.70 1.26
N VAL A 60 16.28 32.28 2.45
CA VAL A 60 15.70 31.08 3.07
C VAL A 60 14.31 31.40 3.60
N LYS A 61 14.16 32.57 4.21
CA LYS A 61 12.86 33.01 4.71
C LYS A 61 11.78 33.01 3.61
N GLU A 62 12.19 33.38 2.40
CA GLU A 62 11.27 33.50 1.28
C GLU A 62 10.80 32.10 0.84
N LEU A 63 11.66 31.09 1.04
CA LEU A 63 11.26 29.67 0.82
C LEU A 63 10.30 29.09 1.82
N GLN A 64 10.26 29.68 3.00
CA GLN A 64 9.40 29.30 4.12
C GLN A 64 9.65 27.85 4.60
N VAL A 65 10.94 27.55 4.73
CA VAL A 65 11.36 26.22 5.11
C VAL A 65 11.03 26.04 6.56
N PRO A 66 10.13 25.12 6.89
CA PRO A 66 9.80 24.94 8.31
C PRO A 66 10.78 24.14 9.14
N ILE A 67 11.58 23.27 8.54
CA ILE A 67 12.45 22.38 9.37
C ILE A 67 13.69 22.10 8.57
N ILE A 68 14.86 22.09 9.23
CA ILE A 68 16.14 21.91 8.56
C ILE A 68 16.92 20.86 9.33
N ARG A 69 17.28 19.80 8.63
CA ARG A 69 18.07 18.70 9.16
C ARG A 69 19.50 19.18 9.29
N TYR A 70 20.14 18.79 10.39
CA TYR A 70 21.48 19.26 10.74
C TYR A 70 22.07 18.29 11.80
N PRO A 71 23.37 18.03 11.88
CA PRO A 71 24.45 18.53 11.02
C PRO A 71 24.92 17.57 9.96
N GLY A 72 24.18 16.50 9.75
CA GLY A 72 24.47 15.56 8.71
C GLY A 72 23.48 14.42 8.70
N GLY A 73 23.54 13.54 7.71
CA GLY A 73 24.55 13.54 6.69
C GLY A 73 25.76 12.73 7.14
N ASN A 74 26.63 12.42 6.19
CA ASN A 74 27.80 11.56 6.45
C ASN A 74 28.75 12.11 7.52
N PHE A 75 28.87 13.44 7.56
CA PHE A 75 29.53 14.19 8.64
C PHE A 75 29.23 13.77 10.09
N VAL A 76 27.97 13.56 10.43
CA VAL A 76 27.62 13.31 11.84
C VAL A 76 28.20 11.97 12.33
N SER A 77 28.46 11.03 11.41
CA SER A 77 28.79 9.66 11.79
C SER A 77 30.19 9.61 12.42
N GLY A 78 30.98 10.68 12.26
CA GLY A 78 32.30 10.79 12.87
C GLY A 78 32.44 11.97 13.82
N TYR A 79 31.33 12.65 14.13
CA TYR A 79 31.35 13.92 14.84
C TYR A 79 31.10 13.79 16.34
N ASN A 80 31.89 14.51 17.13
CA ASN A 80 31.59 14.68 18.56
C ASN A 80 30.90 16.00 18.85
N TRP A 81 29.64 15.96 19.29
CA TRP A 81 28.90 17.20 19.48
C TRP A 81 29.56 18.18 20.46
N GLU A 82 30.27 17.65 21.49
CA GLU A 82 30.93 18.51 22.48
C GLU A 82 32.06 19.37 21.88
N ASP A 83 32.61 18.93 20.77
CA ASP A 83 33.62 19.73 20.09
C ASP A 83 33.08 21.01 19.47
N GLY A 84 31.77 21.12 19.19
CA GLY A 84 31.20 22.36 18.66
C GLY A 84 30.51 23.27 19.68
N VAL A 85 30.63 22.96 20.96
CA VAL A 85 29.97 23.80 21.98
C VAL A 85 30.96 24.36 23.00
N GLY A 86 30.55 25.43 23.67
CA GLY A 86 31.44 26.19 24.54
C GLY A 86 32.46 27.12 23.89
N PRO A 87 33.30 27.72 24.73
CA PRO A 87 34.26 28.69 24.27
C PRO A 87 35.03 28.18 23.08
N LYS A 88 35.15 29.04 22.08
CA LYS A 88 35.79 28.65 20.84
C LYS A 88 37.25 28.26 21.02
N GLU A 89 37.97 28.82 21.98
CA GLU A 89 39.38 28.47 22.14
C GLU A 89 39.55 27.01 22.63
N GLN A 90 38.54 26.44 23.22
CA GLN A 90 38.62 25.05 23.62
C GLN A 90 38.06 24.07 22.55
N ARG A 91 37.59 24.57 21.41
CA ARG A 91 37.02 23.70 20.39
C ARG A 91 38.17 23.17 19.51
N PRO A 92 38.33 21.84 19.36
CA PRO A 92 39.45 21.26 18.63
C PRO A 92 39.22 21.30 17.15
N ARG A 93 40.31 21.38 16.40
CA ARG A 93 40.27 21.11 14.97
C ARG A 93 40.31 19.58 14.74
N ARG A 94 39.35 19.09 13.96
CA ARG A 94 39.16 17.69 13.71
C ARG A 94 39.31 17.38 12.22
N LEU A 95 39.71 16.16 11.94
CA LEU A 95 39.70 15.67 10.58
C LEU A 95 38.33 15.06 10.37
N ASP A 96 37.51 15.73 9.55
CA ASP A 96 36.29 15.15 9.05
C ASP A 96 36.57 14.10 8.02
N LEU A 97 36.37 12.85 8.38
CA LEU A 97 36.70 11.79 7.39
C LEU A 97 35.58 11.66 6.36
N ALA A 98 34.38 12.21 6.62
CA ALA A 98 33.33 12.05 5.64
C ALA A 98 33.68 12.78 4.33
N TRP A 99 34.15 14.02 4.43
CA TRP A 99 34.43 14.86 3.24
C TRP A 99 35.88 15.32 3.17
N LYS A 100 36.74 14.63 3.94
CA LYS A 100 38.18 14.83 3.94
C LYS A 100 38.56 16.29 4.05
N SER A 101 37.96 16.94 5.06
CA SER A 101 38.22 18.31 5.34
C SER A 101 38.70 18.46 6.81
N VAL A 102 39.37 19.56 7.09
CA VAL A 102 39.58 19.95 8.47
C VAL A 102 38.35 20.73 8.96
N GLU A 103 37.68 20.26 10.02
CA GLU A 103 36.56 21.00 10.61
C GLU A 103 37.02 21.81 11.80
N THR A 104 36.84 23.13 11.77
CA THR A 104 37.32 23.95 12.88
C THR A 104 36.34 23.94 14.03
N ASN A 105 35.09 23.58 13.79
CA ASN A 105 34.04 23.66 14.82
C ASN A 105 33.78 25.07 15.34
N GLU A 106 34.12 26.03 14.50
CA GLU A 106 33.79 27.42 14.73
C GLU A 106 32.24 27.58 14.79
N ILE A 107 31.50 26.79 14.02
CA ILE A 107 30.05 26.70 14.15
C ILE A 107 29.81 25.30 14.74
N GLY A 108 29.01 25.30 15.78
CA GLY A 108 28.46 24.09 16.38
C GLY A 108 26.98 24.31 16.70
N LEU A 109 26.42 23.35 17.41
CA LEU A 109 25.00 23.27 17.41
C LEU A 109 24.30 24.53 17.97
N ASN A 110 24.91 25.24 18.90
CA ASN A 110 24.24 26.38 19.51
C ASN A 110 24.15 27.57 18.49
N GLU A 111 25.21 27.75 17.72
CA GLU A 111 25.25 28.79 16.67
C GLU A 111 24.31 28.45 15.57
N PHE A 112 24.25 27.17 15.19
CA PHE A 112 23.26 26.74 14.19
C PHE A 112 21.81 26.95 14.70
N MET A 113 21.51 26.68 15.97
CA MET A 113 20.18 26.99 16.49
C MET A 113 19.84 28.47 16.37
N ASP A 114 20.82 29.33 16.60
CA ASP A 114 20.68 30.77 16.53
C ASP A 114 20.30 31.13 15.08
N TRP A 115 21.03 30.58 14.10
CA TRP A 115 20.71 30.76 12.70
C TRP A 115 19.32 30.28 12.27
N ALA A 116 18.99 29.05 12.63
CA ALA A 116 17.67 28.53 12.38
C ALA A 116 16.57 29.44 12.91
N LYS A 117 16.78 30.01 14.09
CA LYS A 117 15.78 30.90 14.67
C LYS A 117 15.62 32.13 13.74
N MET A 118 16.73 32.61 13.15
CA MET A 118 16.69 33.79 12.25
C MET A 118 15.82 33.51 11.00
N VAL A 119 15.81 32.25 10.52
CA VAL A 119 15.10 31.89 9.28
C VAL A 119 13.74 31.30 9.59
N GLY A 120 13.43 31.19 10.88
CA GLY A 120 12.17 30.68 11.35
C GLY A 120 11.95 29.18 11.17
N ALA A 121 13.02 28.41 11.20
CA ALA A 121 12.96 26.95 11.04
C ALA A 121 13.24 26.25 12.35
N GLU A 122 12.56 25.15 12.59
CA GLU A 122 12.95 24.21 13.63
C GLU A 122 14.05 23.29 13.04
N VAL A 123 14.79 22.62 13.92
CA VAL A 123 15.95 21.83 13.57
C VAL A 123 15.62 20.37 13.86
N ASN A 124 15.87 19.58 12.83
CA ASN A 124 15.78 18.12 12.84
C ASN A 124 17.21 17.61 13.10
N MET A 125 17.50 17.39 14.39
CA MET A 125 18.89 17.16 14.81
C MET A 125 19.24 15.70 14.74
N ALA A 126 20.46 15.41 14.24
CA ALA A 126 20.97 14.07 14.10
C ALA A 126 22.05 13.81 15.17
N VAL A 127 21.98 12.60 15.78
CA VAL A 127 23.01 12.07 16.66
C VAL A 127 23.92 11.08 15.89
N ASN A 128 25.18 11.08 16.26
CA ASN A 128 26.20 10.18 15.72
C ASN A 128 25.96 8.77 16.29
N LEU A 129 25.64 7.80 15.43
CA LEU A 129 25.61 6.38 15.78
C LEU A 129 26.61 5.61 14.89
N GLY A 130 27.63 6.30 14.40
CA GLY A 130 28.77 5.73 13.70
C GLY A 130 29.96 5.43 14.65
N THR A 131 30.70 6.44 15.09
CA THR A 131 31.73 6.23 16.11
C THR A 131 31.18 6.37 17.53
N ARG A 132 29.95 6.82 17.68
CA ARG A 132 29.32 6.91 19.02
C ARG A 132 28.00 6.13 19.13
N GLY A 133 27.36 6.23 20.29
CA GLY A 133 26.29 5.32 20.59
C GLY A 133 25.30 5.98 21.55
N ILE A 134 24.83 5.20 22.51
CA ILE A 134 23.66 5.60 23.29
C ILE A 134 23.94 6.59 24.35
N ASP A 135 25.14 6.56 24.91
CA ASP A 135 25.43 7.50 25.97
C ASP A 135 25.45 8.94 25.41
N ALA A 136 26.08 9.11 24.26
CA ALA A 136 26.20 10.42 23.64
C ALA A 136 24.84 10.90 23.15
N ALA A 137 24.02 9.97 22.72
CA ALA A 137 22.66 10.32 22.24
C ALA A 137 21.84 10.89 23.38
N ARG A 138 21.81 10.18 24.50
CA ARG A 138 21.00 10.71 25.63
C ARG A 138 21.57 12.03 26.15
N ASN A 139 22.88 12.16 26.21
CA ASN A 139 23.51 13.32 26.76
C ASN A 139 23.23 14.53 25.85
N LEU A 140 23.17 14.32 24.54
CA LEU A 140 22.92 15.43 23.60
C LEU A 140 21.46 15.90 23.80
N VAL A 141 20.55 14.96 23.93
CA VAL A 141 19.17 15.31 24.16
C VAL A 141 18.97 16.08 25.47
N GLU A 142 19.61 15.64 26.53
CA GLU A 142 19.58 16.36 27.78
C GLU A 142 20.14 17.75 27.60
N TYR A 143 21.34 17.86 27.00
CA TYR A 143 21.94 19.17 26.76
C TYR A 143 21.03 20.12 26.00
N CYS A 144 20.33 19.61 25.00
CA CYS A 144 19.45 20.44 24.20
C CYS A 144 18.10 20.70 24.88
N ASN A 145 17.55 19.73 25.61
CA ASN A 145 16.12 19.75 25.89
C ASN A 145 15.77 19.80 27.37
N HIS A 146 16.65 19.34 28.24
CA HIS A 146 16.37 19.40 29.66
C HIS A 146 16.57 20.84 30.19
N PRO A 147 15.58 21.38 30.92
CA PRO A 147 15.59 22.80 31.32
C PRO A 147 16.84 23.19 32.08
N SER A 148 17.08 22.50 33.18
CA SER A 148 18.17 22.83 34.07
C SER A 148 18.28 21.77 35.21
N GLY A 149 19.34 21.88 36.00
CA GLY A 149 19.52 21.08 37.23
C GLY A 149 20.23 19.75 37.08
N SER A 150 20.84 19.55 35.92
CA SER A 150 21.69 18.39 35.67
C SER A 150 22.95 18.88 34.98
N TYR A 151 23.98 18.05 34.99
CA TYR A 151 25.25 18.48 34.46
C TYR A 151 25.09 19.06 33.04
N TYR A 152 24.45 18.33 32.14
CA TYR A 152 24.44 18.72 30.72
C TYR A 152 23.50 19.84 30.43
N SER A 153 22.34 19.90 31.12
CA SER A 153 21.44 21.04 30.97
C SER A 153 22.13 22.32 31.50
N ASP A 154 22.84 22.19 32.62
CA ASP A 154 23.49 23.34 33.26
C ASP A 154 24.67 23.69 32.39
N LEU A 155 25.18 22.72 31.67
CA LEU A 155 26.25 23.04 30.72
C LEU A 155 25.76 23.97 29.58
N ARG A 156 24.61 23.67 29.00
CA ARG A 156 24.06 24.50 27.94
C ARG A 156 23.88 25.95 28.41
N ILE A 157 23.31 26.08 29.62
CA ILE A 157 23.17 27.37 30.27
C ILE A 157 24.53 28.02 30.43
N ALA A 158 25.52 27.33 31.00
CA ALA A 158 26.87 27.92 31.09
C ALA A 158 27.42 28.41 29.72
N HIS A 159 27.02 27.75 28.63
CA HIS A 159 27.51 28.08 27.27
C HIS A 159 26.75 29.26 26.66
N GLY A 160 25.78 29.79 27.40
CA GLY A 160 25.12 31.03 27.03
C GLY A 160 23.74 30.83 26.52
N TYR A 161 23.15 29.65 26.73
CA TYR A 161 21.85 29.32 26.15
C TYR A 161 20.92 28.84 27.25
N LYS A 162 20.30 29.79 27.93
CA LYS A 162 19.53 29.52 29.13
C LYS A 162 18.31 28.63 28.91
N GLU A 163 17.47 29.02 27.96
CA GLU A 163 16.31 28.25 27.56
C GLU A 163 16.73 27.02 26.77
N PRO A 164 16.10 25.88 27.05
CA PRO A 164 16.34 24.71 26.18
C PRO A 164 15.99 24.99 24.71
N HIS A 165 16.75 24.38 23.81
CA HIS A 165 16.42 24.41 22.39
C HIS A 165 15.12 23.68 22.10
N LYS A 166 14.76 22.71 22.93
CA LYS A 166 13.52 21.95 22.80
C LYS A 166 13.35 21.39 21.41
N ILE A 167 14.36 20.67 20.94
CA ILE A 167 14.28 20.04 19.62
C ILE A 167 13.27 18.89 19.62
N LYS A 168 12.36 18.95 18.69
CA LYS A 168 11.32 17.96 18.59
C LYS A 168 11.72 16.62 17.87
N THR A 169 12.42 16.70 16.74
CA THR A 169 12.50 15.60 15.80
C THR A 169 13.96 15.29 15.55
N TRP A 170 14.40 14.08 15.89
CA TRP A 170 15.82 13.67 15.91
C TRP A 170 16.05 12.54 14.92
N CYS A 171 17.19 12.52 14.29
CA CYS A 171 17.57 11.42 13.46
C CYS A 171 18.55 10.55 14.22
N LEU A 172 18.27 9.23 14.21
CA LEU A 172 19.10 8.20 14.83
C LEU A 172 20.23 7.82 13.91
N GLY A 173 21.26 8.64 13.88
CA GLY A 173 22.34 8.45 12.94
C GLY A 173 22.12 8.99 11.55
N ASN A 174 23.08 8.70 10.70
CA ASN A 174 22.92 8.91 9.30
C ASN A 174 22.93 7.53 8.74
N ALA A 175 22.53 7.42 7.47
CA ALA A 175 22.47 6.12 6.79
C ALA A 175 23.77 5.40 6.97
N MET A 176 23.76 4.27 7.64
CA MET A 176 25.04 3.57 7.75
C MET A 176 25.05 2.24 7.06
N ASP A 177 24.21 2.08 6.05
CA ASP A 177 24.20 0.87 5.23
C ASP A 177 25.37 0.80 4.27
N GLY A 178 25.99 1.92 3.91
CA GLY A 178 27.10 1.87 2.94
C GLY A 178 28.53 1.62 3.47
N PRO A 179 29.32 0.83 2.76
CA PRO A 179 30.78 0.80 3.01
C PRO A 179 31.56 2.13 2.96
N TRP A 180 31.00 3.22 2.43
CA TRP A 180 31.65 4.54 2.51
C TRP A 180 31.32 5.34 3.79
N GLN A 181 30.39 4.84 4.61
CA GLN A 181 29.99 5.57 5.80
C GLN A 181 30.95 5.32 6.98
N ILE A 182 31.22 6.35 7.78
CA ILE A 182 31.93 6.20 9.01
C ILE A 182 31.14 5.30 9.96
N GLY A 183 31.71 4.18 10.39
CA GLY A 183 31.03 3.37 11.37
C GLY A 183 29.84 2.70 10.76
N HIS A 184 29.99 2.26 9.50
CA HIS A 184 29.02 1.44 8.82
C HIS A 184 28.54 0.29 9.73
N LYS A 185 27.26 -0.01 9.63
CA LYS A 185 26.65 -1.04 10.44
C LYS A 185 25.76 -1.83 9.53
N THR A 186 25.66 -3.12 9.80
CA THR A 186 24.70 -3.96 9.11
C THR A 186 23.33 -3.54 9.63
N ALA A 187 22.29 -4.07 9.07
CA ALA A 187 20.95 -3.65 9.50
C ALA A 187 20.57 -4.13 10.91
N VAL A 188 21.09 -5.29 11.33
CA VAL A 188 20.86 -5.80 12.69
C VAL A 188 21.62 -4.92 13.71
N GLU A 189 22.93 -4.73 13.53
CA GLU A 189 23.74 -3.77 14.33
C GLU A 189 23.13 -2.39 14.45
N TYR A 190 22.68 -1.83 13.33
CA TYR A 190 22.08 -0.51 13.37
C TYR A 190 20.73 -0.53 14.07
N GLY A 191 19.94 -1.52 13.80
CA GLY A 191 18.61 -1.55 14.37
C GLY A 191 18.69 -1.70 15.87
N ARG A 192 19.64 -2.50 16.31
CA ARG A 192 19.88 -2.66 17.73
C ARG A 192 20.33 -1.36 18.39
N ILE A 193 21.34 -0.69 17.83
CA ILE A 193 21.84 0.55 18.47
C ILE A 193 20.82 1.68 18.39
N ALA A 194 20.04 1.69 17.31
CA ALA A 194 19.02 2.71 17.12
C ALA A 194 17.92 2.51 18.12
N CYS A 195 17.53 1.26 18.32
CA CYS A 195 16.57 0.92 19.35
C CYS A 195 16.95 1.46 20.75
N GLU A 196 18.19 1.18 21.14
CA GLU A 196 18.66 1.51 22.49
C GLU A 196 18.90 3.01 22.66
N ALA A 197 19.34 3.66 21.60
CA ALA A 197 19.43 5.11 21.58
C ALA A 197 18.05 5.79 21.68
N ALA A 198 17.16 5.33 20.83
CA ALA A 198 15.80 5.83 20.79
C ALA A 198 15.21 5.75 22.18
N LYS A 199 15.40 4.61 22.85
CA LYS A 199 14.86 4.45 24.22
C LYS A 199 15.38 5.53 25.18
N VAL A 200 16.70 5.69 25.26
CA VAL A 200 17.25 6.64 26.21
C VAL A 200 16.94 8.10 25.91
N MET A 201 16.88 8.42 24.63
CA MET A 201 16.58 9.77 24.19
C MET A 201 15.18 10.18 24.63
N LYS A 202 14.25 9.25 24.40
CA LYS A 202 12.85 9.36 24.78
C LYS A 202 12.65 9.39 26.30
N TRP A 203 13.50 8.68 27.06
CA TRP A 203 13.41 8.73 28.52
C TRP A 203 13.88 10.07 29.04
N VAL A 204 14.84 10.70 28.38
CA VAL A 204 15.27 12.05 28.75
C VAL A 204 14.12 13.05 28.44
N ASP A 205 13.49 12.90 27.29
CA ASP A 205 12.40 13.82 26.86
C ASP A 205 11.35 13.09 26.01
N PRO A 206 10.30 12.58 26.63
CA PRO A 206 9.26 11.82 25.92
C PRO A 206 8.46 12.63 24.85
N THR A 207 8.60 13.95 24.77
CA THR A 207 7.92 14.74 23.75
C THR A 207 8.60 14.63 22.36
N ILE A 208 9.77 14.00 22.28
CA ILE A 208 10.42 13.95 20.98
C ILE A 208 9.88 12.88 20.05
N GLU A 209 10.28 13.01 18.77
CA GLU A 209 10.03 12.06 17.70
C GLU A 209 11.36 11.53 17.19
N LEU A 210 11.38 10.31 16.66
CA LEU A 210 12.63 9.70 16.14
C LEU A 210 12.44 9.22 14.75
N VAL A 211 13.41 9.54 13.90
CA VAL A 211 13.50 9.06 12.54
C VAL A 211 14.60 7.99 12.49
N VAL A 212 14.29 6.74 12.08
CA VAL A 212 15.37 5.74 11.88
C VAL A 212 15.74 5.83 10.45
N CYS A 213 17.01 5.59 10.16
CA CYS A 213 17.59 5.64 8.81
C CYS A 213 17.20 4.49 7.89
N GLY A 214 16.59 4.80 6.76
CA GLY A 214 16.48 3.87 5.68
C GLY A 214 17.82 3.74 4.94
N SER A 215 17.74 3.05 3.81
CA SER A 215 18.86 2.89 2.89
C SER A 215 19.35 4.24 2.37
N SER A 216 20.65 4.32 2.11
CA SER A 216 21.25 5.55 1.62
C SER A 216 20.79 5.80 0.19
N ASN A 217 20.38 4.75 -0.47
CA ASN A 217 19.93 4.88 -1.82
C ASN A 217 19.12 3.61 -2.21
N ARG A 218 18.22 3.73 -3.16
CA ARG A 218 17.41 2.60 -3.61
C ARG A 218 18.16 1.51 -4.38
N ASN A 219 19.33 1.86 -4.92
CA ASN A 219 20.21 0.90 -5.59
C ASN A 219 21.06 0.06 -4.63
N MET A 220 21.00 0.31 -3.32
CA MET A 220 21.92 -0.41 -2.45
C MET A 220 21.55 -1.88 -2.53
N PRO A 221 22.54 -2.77 -2.54
CA PRO A 221 22.24 -4.20 -2.51
C PRO A 221 21.32 -4.66 -1.35
N THR A 222 21.27 -3.90 -0.25
CA THR A 222 20.46 -4.22 0.93
C THR A 222 19.11 -3.47 0.95
N PHE A 223 18.79 -2.75 -0.12
CA PHE A 223 17.55 -2.01 -0.13
C PHE A 223 16.32 -2.88 0.14
N ALA A 224 15.45 -2.38 0.97
CA ALA A 224 14.22 -3.01 1.37
C ALA A 224 14.44 -4.01 2.50
N GLU A 225 15.36 -4.94 2.27
CA GLU A 225 15.83 -5.81 3.35
C GLU A 225 16.25 -4.97 4.57
N TRP A 226 17.01 -3.91 4.32
CA TRP A 226 17.45 -2.98 5.39
C TRP A 226 16.29 -2.46 6.21
N GLU A 227 15.32 -1.87 5.52
CA GLU A 227 14.25 -1.19 6.16
C GLU A 227 13.45 -2.17 7.01
N ALA A 228 13.25 -3.37 6.49
CA ALA A 228 12.44 -4.35 7.14
C ALA A 228 13.10 -4.76 8.44
N THR A 229 14.38 -5.09 8.36
CA THR A 229 15.14 -5.47 9.52
C THR A 229 15.17 -4.31 10.52
N VAL A 230 15.45 -3.12 10.03
CA VAL A 230 15.64 -1.98 10.94
C VAL A 230 14.35 -1.73 11.70
N LEU A 231 13.23 -1.77 10.98
CA LEU A 231 11.97 -1.47 11.60
C LEU A 231 11.60 -2.58 12.58
N ASP A 232 11.95 -3.81 12.24
CA ASP A 232 11.69 -4.96 13.11
C ASP A 232 12.38 -4.79 14.46
N HIS A 233 13.52 -4.10 14.42
CA HIS A 233 14.24 -3.74 15.60
C HIS A 233 13.77 -2.53 16.33
N THR A 234 13.14 -1.57 15.63
CA THR A 234 12.93 -0.24 16.22
C THR A 234 11.47 0.18 16.31
N TYR A 235 10.58 -0.58 15.71
CA TYR A 235 9.21 -0.12 15.43
C TYR A 235 8.52 0.59 16.58
N ASP A 236 8.51 -0.03 17.75
CA ASP A 236 7.83 0.56 18.91
C ASP A 236 8.43 1.85 19.45
N HIS A 237 9.72 2.08 19.22
CA HIS A 237 10.41 3.27 19.75
C HIS A 237 10.55 4.47 18.79
N VAL A 238 10.24 4.27 17.53
CA VAL A 238 10.42 5.33 16.55
C VAL A 238 9.12 5.73 15.84
N ASP A 239 9.20 6.84 15.11
CA ASP A 239 8.06 7.53 14.46
C ASP A 239 8.11 7.60 12.93
N TYR A 240 9.30 7.65 12.35
CA TYR A 240 9.48 7.73 10.91
C TYR A 240 10.63 6.86 10.50
N ILE A 241 10.59 6.43 9.26
CA ILE A 241 11.75 5.86 8.57
C ILE A 241 12.08 6.76 7.42
N SER A 242 13.37 6.88 7.11
CA SER A 242 13.76 7.82 6.08
C SER A 242 14.07 7.11 4.77
N LEU A 243 14.02 7.90 3.72
CA LEU A 243 14.46 7.52 2.41
C LEU A 243 15.12 8.67 1.75
N HIS A 244 15.99 8.30 0.81
CA HIS A 244 16.89 9.22 0.17
C HIS A 244 16.93 8.94 -1.32
N GLN A 245 16.96 9.99 -2.12
CA GLN A 245 17.00 9.83 -3.57
C GLN A 245 17.58 11.07 -4.25
N TYR A 246 18.59 10.86 -5.09
CA TYR A 246 19.16 11.90 -5.96
C TYR A 246 19.03 11.44 -7.41
N TYR A 247 18.83 12.41 -8.30
CA TYR A 247 18.66 12.10 -9.73
C TYR A 247 19.66 12.89 -10.53
N GLY A 248 19.81 12.43 -11.77
CA GLY A 248 20.78 13.03 -12.67
C GLY A 248 20.50 12.70 -14.11
N ASN A 249 20.88 13.61 -15.02
CA ASN A 249 20.67 13.41 -16.45
C ASN A 249 22.01 13.18 -17.12
N ARG A 250 22.61 12.04 -16.79
CA ARG A 250 24.00 11.75 -17.18
C ARG A 250 24.14 11.37 -18.66
N ASP A 251 23.05 10.91 -19.28
CA ASP A 251 23.08 10.47 -20.68
C ASP A 251 22.24 11.39 -21.63
N ASN A 252 22.13 12.67 -21.26
CA ASN A 252 21.35 13.64 -22.04
C ASN A 252 20.03 13.18 -22.63
N ASP A 253 19.14 12.68 -21.78
CA ASP A 253 17.86 12.19 -22.23
C ASP A 253 16.71 12.86 -21.47
N THR A 254 16.29 14.01 -21.96
CA THR A 254 15.36 14.84 -21.23
C THR A 254 14.03 14.16 -20.94
N ALA A 255 13.49 13.43 -21.91
CA ALA A 255 12.18 12.81 -21.77
C ALA A 255 12.23 11.71 -20.69
N ASN A 256 13.34 10.99 -20.68
CA ASN A 256 13.58 9.96 -19.66
C ASN A 256 13.84 10.59 -18.26
N TYR A 257 14.54 11.71 -18.23
CA TYR A 257 14.91 12.40 -17.00
C TYR A 257 13.66 12.84 -16.29
N LEU A 258 12.74 13.46 -17.04
CA LEU A 258 11.53 14.02 -16.47
C LEU A 258 10.59 12.94 -15.96
N ALA A 259 10.75 11.72 -16.47
CA ALA A 259 9.95 10.59 -16.04
C ALA A 259 10.37 10.02 -14.67
N LEU A 260 11.55 10.40 -14.18
CA LEU A 260 12.13 9.83 -12.96
C LEU A 260 11.27 9.91 -11.68
N SER A 261 10.41 10.92 -11.62
CA SER A 261 9.51 11.00 -10.50
C SER A 261 8.54 9.78 -10.42
N LEU A 262 8.34 9.06 -11.53
CA LEU A 262 7.56 7.81 -11.46
C LEU A 262 8.28 6.77 -10.61
N GLU A 263 9.60 6.76 -10.70
CA GLU A 263 10.42 5.91 -9.85
C GLU A 263 10.31 6.33 -8.38
N MET A 264 10.32 7.64 -8.13
CA MET A 264 10.23 8.15 -6.78
C MET A 264 8.91 7.74 -6.17
N ASP A 265 7.87 7.69 -7.00
CA ASP A 265 6.53 7.38 -6.56
C ASP A 265 6.53 5.93 -6.10
N ASP A 266 7.19 5.11 -6.89
CA ASP A 266 7.28 3.68 -6.56
C ASP A 266 8.14 3.37 -5.33
N PHE A 267 9.27 4.05 -5.24
CA PHE A 267 10.16 4.00 -4.10
C PHE A 267 9.40 4.32 -2.78
N ILE A 268 8.60 5.38 -2.83
CA ILE A 268 7.82 5.76 -1.68
C ILE A 268 6.85 4.67 -1.30
N ARG A 269 6.15 4.11 -2.30
CA ARG A 269 5.13 3.09 -2.10
C ARG A 269 5.79 1.86 -1.52
N SER A 270 6.99 1.56 -1.97
CA SER A 270 7.76 0.42 -1.45
C SER A 270 8.10 0.53 0.00
N VAL A 271 8.59 1.71 0.40
CA VAL A 271 8.98 1.94 1.77
C VAL A 271 7.73 1.98 2.62
N VAL A 272 6.63 2.59 2.14
CA VAL A 272 5.35 2.52 2.89
C VAL A 272 4.96 1.05 3.14
N ALA A 273 5.08 0.22 2.09
CA ALA A 273 4.70 -1.19 2.19
C ALA A 273 5.54 -1.91 3.30
N ILE A 274 6.85 -1.65 3.34
CA ILE A 274 7.70 -2.22 4.39
C ILE A 274 7.21 -1.83 5.79
N ALA A 275 6.88 -0.57 5.97
CA ALA A 275 6.41 -0.11 7.26
C ALA A 275 5.14 -0.84 7.63
N ASP A 276 4.27 -1.04 6.66
CA ASP A 276 2.99 -1.70 6.90
C ASP A 276 3.16 -3.20 7.10
N TYR A 277 4.17 -3.77 6.49
CA TYR A 277 4.51 -5.15 6.75
C TYR A 277 4.92 -5.34 8.20
N VAL A 278 5.85 -4.50 8.68
CA VAL A 278 6.34 -4.63 10.01
C VAL A 278 5.22 -4.30 10.98
N LYS A 279 4.37 -3.32 10.66
CA LYS A 279 3.25 -3.00 11.51
C LYS A 279 2.45 -4.25 11.75
N ALA A 280 2.10 -4.94 10.67
CA ALA A 280 1.30 -6.14 10.78
C ALA A 280 2.01 -7.29 11.51
N LYS A 281 3.30 -7.47 11.28
CA LYS A 281 4.05 -8.50 11.99
C LYS A 281 4.06 -8.30 13.51
N LYS A 282 4.18 -7.07 13.96
CA LYS A 282 4.14 -6.73 15.39
C LYS A 282 2.73 -6.53 15.95
N ARG A 283 1.71 -6.59 15.10
CA ARG A 283 0.33 -6.25 15.50
C ARG A 283 0.29 -4.93 16.19
N SER A 284 1.00 -3.95 15.66
CA SER A 284 1.02 -2.66 16.28
C SER A 284 -0.14 -1.83 15.73
N LYS A 285 -0.67 -0.95 16.58
CA LYS A 285 -1.71 -0.01 16.15
C LYS A 285 -1.09 1.28 15.63
N LYS A 286 0.24 1.42 15.76
CA LYS A 286 0.92 2.62 15.31
C LYS A 286 1.36 2.48 13.85
N THR A 287 1.15 3.55 13.10
CA THR A 287 1.60 3.66 11.73
C THR A 287 2.87 4.49 11.69
N ILE A 288 3.85 4.00 10.97
CA ILE A 288 5.12 4.67 10.81
C ILE A 288 5.05 5.41 9.48
N HIS A 289 5.51 6.65 9.48
CA HIS A 289 5.50 7.45 8.29
C HIS A 289 6.91 7.65 7.82
N LEU A 290 7.01 8.32 6.69
CA LEU A 290 8.25 8.49 5.98
C LEU A 290 8.77 9.93 6.16
N SER A 291 10.08 10.04 6.35
CA SER A 291 10.83 11.27 6.23
C SER A 291 11.76 11.14 5.04
N PHE A 292 11.43 11.85 3.97
CA PHE A 292 12.22 11.83 2.74
C PHE A 292 13.31 12.84 2.92
N ASP A 293 14.27 12.51 3.79
CA ASP A 293 15.14 13.57 4.35
C ASP A 293 16.39 13.89 3.53
N GLU A 294 16.47 13.30 2.33
CA GLU A 294 17.38 13.78 1.27
C GLU A 294 16.73 13.58 -0.08
N TRP A 295 16.50 14.67 -0.79
CA TRP A 295 16.08 14.57 -2.19
C TRP A 295 16.57 15.80 -2.96
N ASN A 296 17.01 15.57 -4.20
CA ASN A 296 17.40 16.61 -5.15
C ASN A 296 17.88 16.01 -6.46
N VAL A 297 18.16 16.90 -7.41
CA VAL A 297 19.08 16.62 -8.46
C VAL A 297 20.48 16.80 -7.89
N TRP A 298 21.39 15.89 -8.24
CA TRP A 298 22.80 15.97 -7.90
C TRP A 298 23.58 15.17 -8.95
N TYR A 299 24.38 15.86 -9.75
CA TYR A 299 25.26 15.24 -10.74
C TYR A 299 26.26 16.18 -11.34
N HIS A 300 25.82 17.41 -11.62
CA HIS A 300 26.66 18.36 -12.36
C HIS A 300 28.07 18.51 -11.86
N SER A 301 28.27 18.44 -10.54
CA SER A 301 29.55 18.77 -9.95
C SER A 301 30.48 17.59 -9.67
N ASN A 302 30.12 16.38 -10.14
CA ASN A 302 30.87 15.13 -9.77
C ASN A 302 32.34 15.17 -10.16
N GLU A 303 32.64 15.68 -11.37
CA GLU A 303 34.00 15.68 -11.90
C GLU A 303 34.88 16.73 -11.24
N ALA A 304 34.37 17.96 -11.08
CA ALA A 304 35.11 18.99 -10.35
C ALA A 304 35.49 18.55 -8.92
N ASP A 305 34.60 17.87 -8.21
CA ASP A 305 34.89 17.40 -6.83
C ASP A 305 36.11 16.49 -6.75
N LYS A 306 36.28 15.61 -7.74
CA LYS A 306 37.40 14.64 -7.75
C LYS A 306 38.79 15.27 -7.59
N LEU A 307 38.94 16.55 -7.94
CA LEU A 307 40.21 17.27 -7.92
C LEU A 307 40.45 18.14 -6.66
N ILE A 308 39.51 18.16 -5.73
CA ILE A 308 39.69 18.91 -4.48
C ILE A 308 40.74 18.18 -3.62
N GLU A 309 41.76 18.91 -3.15
CA GLU A 309 42.79 18.35 -2.25
C GLU A 309 42.19 18.07 -0.86
N PRO A 310 42.55 16.96 -0.23
CA PRO A 310 42.11 16.72 1.16
C PRO A 310 42.71 17.70 2.19
N TRP A 311 41.97 17.89 3.27
CA TRP A 311 42.43 18.60 4.44
C TRP A 311 42.46 20.10 4.30
N THR A 312 41.62 20.64 3.40
CA THR A 312 41.32 22.07 3.42
C THR A 312 40.12 22.40 4.34
N VAL A 313 39.98 23.70 4.63
CA VAL A 313 38.83 24.23 5.36
C VAL A 313 37.84 24.71 4.31
N ALA A 314 36.60 24.21 4.40
CA ALA A 314 35.50 24.69 3.53
C ALA A 314 35.75 24.62 2.03
N PRO A 315 36.09 23.44 1.52
CA PRO A 315 36.32 23.24 0.09
C PRO A 315 35.01 23.42 -0.70
N PRO A 316 35.07 23.83 -1.97
CA PRO A 316 33.85 24.02 -2.75
C PRO A 316 33.23 22.75 -3.32
N LEU A 317 32.70 21.89 -2.43
CA LEU A 317 32.17 20.58 -2.85
C LEU A 317 30.71 20.64 -3.21
N LEU A 318 30.31 19.77 -4.13
CA LEU A 318 28.93 19.44 -4.44
C LEU A 318 28.17 20.64 -5.03
N GLU A 319 28.90 21.57 -5.64
CA GLU A 319 28.29 22.82 -6.12
C GLU A 319 27.76 22.68 -7.52
N ASP A 320 26.66 21.95 -7.62
CA ASP A 320 25.95 21.85 -8.85
C ASP A 320 25.35 23.21 -9.24
N ILE A 321 25.39 23.51 -10.53
CA ILE A 321 24.72 24.65 -11.10
C ILE A 321 23.55 24.11 -11.87
N TYR A 322 22.33 24.35 -11.38
CA TYR A 322 21.13 23.76 -11.94
C TYR A 322 20.65 24.50 -13.19
N ASN A 323 19.99 23.72 -14.06
CA ASN A 323 19.38 24.22 -15.29
C ASN A 323 17.88 24.15 -15.21
N PHE A 324 17.24 24.48 -16.34
CA PHE A 324 15.79 24.57 -16.36
C PHE A 324 15.14 23.22 -16.27
N GLU A 325 15.70 22.23 -16.95
CA GLU A 325 15.11 20.88 -16.86
C GLU A 325 15.19 20.33 -15.42
N ASP A 326 16.19 20.78 -14.68
CA ASP A 326 16.39 20.29 -13.32
C ASP A 326 15.26 20.85 -12.51
N ALA A 327 14.89 22.09 -12.81
CA ALA A 327 13.78 22.68 -12.15
C ALA A 327 12.45 21.94 -12.46
N LEU A 328 12.26 21.48 -13.70
CA LEU A 328 11.03 20.73 -14.00
C LEU A 328 11.04 19.39 -13.26
N LEU A 329 12.20 18.76 -13.14
CA LEU A 329 12.25 17.50 -12.41
C LEU A 329 11.96 17.73 -10.93
N VAL A 330 12.48 18.82 -10.36
CA VAL A 330 12.24 19.13 -8.95
C VAL A 330 10.77 19.40 -8.76
N GLY A 331 10.18 20.06 -9.74
CA GLY A 331 8.74 20.30 -9.70
C GLY A 331 7.97 18.97 -9.67
N CYS A 332 8.38 18.02 -10.49
CA CYS A 332 7.73 16.70 -10.52
C CYS A 332 7.90 15.92 -9.18
N MET A 333 9.04 16.11 -8.52
CA MET A 333 9.27 15.44 -7.21
C MET A 333 8.44 16.06 -6.13
N LEU A 334 8.31 17.38 -6.14
CA LEU A 334 7.46 18.09 -5.19
C LEU A 334 6.02 17.60 -5.34
N ILE A 335 5.55 17.45 -6.58
CA ILE A 335 4.16 16.98 -6.80
C ILE A 335 4.05 15.56 -6.30
N THR A 336 5.09 14.78 -6.47
CA THR A 336 5.11 13.42 -5.99
C THR A 336 5.04 13.38 -4.46
N LEU A 337 5.79 14.25 -3.77
CA LEU A 337 5.75 14.27 -2.32
C LEU A 337 4.31 14.61 -1.89
N MET A 338 3.71 15.62 -2.52
CA MET A 338 2.33 16.01 -2.21
C MET A 338 1.32 14.88 -2.43
N LYS A 339 1.51 14.12 -3.51
CA LYS A 339 0.75 12.94 -3.84
C LYS A 339 0.79 11.91 -2.72
N HIS A 340 1.85 11.90 -1.92
CA HIS A 340 1.97 10.96 -0.79
C HIS A 340 1.89 11.62 0.59
N ALA A 341 1.19 12.75 0.65
CA ALA A 341 0.99 13.53 1.88
C ALA A 341 0.38 12.70 2.99
N ASP A 342 -0.34 11.64 2.63
CA ASP A 342 -0.86 10.74 3.66
C ASP A 342 0.22 9.97 4.42
N ARG A 343 1.34 9.70 3.78
CA ARG A 343 2.43 8.94 4.45
C ARG A 343 3.79 9.59 4.54
N VAL A 344 4.09 10.56 3.68
CA VAL A 344 5.33 11.29 3.75
C VAL A 344 5.07 12.57 4.56
N LYS A 345 5.63 12.65 5.78
CA LYS A 345 5.33 13.75 6.69
C LYS A 345 6.47 14.75 6.82
N ILE A 346 7.67 14.35 6.42
CA ILE A 346 8.84 15.22 6.46
C ILE A 346 9.61 14.95 5.14
N ALA A 347 10.13 15.99 4.56
CA ALA A 347 11.08 15.89 3.47
C ALA A 347 12.04 17.07 3.50
N CYS A 348 13.23 16.83 2.99
CA CYS A 348 14.33 17.73 3.07
C CYS A 348 14.99 17.77 1.72
N LEU A 349 14.92 18.96 1.07
CA LEU A 349 15.73 19.32 -0.07
C LEU A 349 17.18 19.38 0.42
N ALA A 350 17.99 18.47 -0.14
CA ALA A 350 19.40 18.34 0.19
C ALA A 350 20.17 19.05 -0.89
N GLN A 351 20.81 20.16 -0.61
CA GLN A 351 20.80 20.86 0.68
C GLN A 351 20.44 22.33 0.41
N LEU A 352 20.50 23.16 1.44
CA LEU A 352 19.81 24.43 1.41
C LEU A 352 20.69 25.52 0.79
N VAL A 353 22.00 25.50 1.06
CA VAL A 353 22.90 26.56 0.67
C VAL A 353 24.23 25.99 0.14
N ASN A 354 24.62 26.45 -1.03
CA ASN A 354 25.84 26.07 -1.78
C ASN A 354 26.00 24.63 -2.24
N VAL A 355 25.72 23.73 -1.32
CA VAL A 355 25.83 22.30 -1.51
C VAL A 355 24.57 21.79 -2.16
N ILE A 356 24.68 21.37 -3.43
CA ILE A 356 23.51 20.96 -4.20
C ILE A 356 22.22 21.71 -3.81
N ALA A 357 22.22 23.04 -4.07
CA ALA A 357 21.42 23.98 -3.33
C ALA A 357 20.59 24.93 -4.22
N PRO A 358 19.42 25.29 -3.74
CA PRO A 358 18.61 26.32 -4.42
C PRO A 358 19.21 27.75 -4.28
N ILE A 359 20.17 27.90 -3.39
CA ILE A 359 20.79 29.18 -3.05
C ILE A 359 22.30 29.03 -3.11
N MET A 360 22.94 29.85 -3.94
CA MET A 360 24.41 29.80 -4.09
C MET A 360 24.95 31.12 -3.64
N THR A 361 26.17 31.14 -3.12
CA THR A 361 26.77 32.37 -2.66
C THR A 361 28.17 32.45 -3.22
N GLU A 362 28.70 33.67 -3.24
CA GLU A 362 30.09 33.88 -3.61
C GLU A 362 30.71 34.64 -2.48
N LYS A 363 32.00 34.40 -2.27
CA LYS A 363 32.72 34.96 -1.18
C LYS A 363 32.75 36.49 -1.28
N ASN A 364 32.34 37.15 -0.23
CA ASN A 364 32.20 38.59 -0.21
C ASN A 364 31.29 39.13 -1.29
N GLY A 365 30.48 38.26 -1.89
CA GLY A 365 29.71 38.58 -3.07
C GLY A 365 28.23 38.28 -2.85
N PRO A 366 27.49 38.19 -3.95
CA PRO A 366 26.05 37.94 -3.89
C PRO A 366 25.64 36.50 -3.59
N ALA A 367 24.39 36.39 -3.17
CA ALA A 367 23.70 35.12 -2.98
C ALA A 367 22.66 35.14 -4.10
N TRP A 368 22.49 34.03 -4.80
CA TRP A 368 21.53 34.04 -5.91
C TRP A 368 20.68 32.77 -5.95
N LYS A 369 19.55 32.86 -6.64
CA LYS A 369 18.60 31.77 -6.72
C LYS A 369 18.87 30.95 -7.98
N GLN A 370 19.12 29.65 -7.79
CA GLN A 370 19.14 28.67 -8.84
C GLN A 370 17.76 28.42 -9.41
N THR A 371 17.76 27.77 -10.56
CA THR A 371 16.52 27.40 -11.20
C THR A 371 15.60 26.64 -10.30
N ILE A 372 16.15 25.74 -9.50
CA ILE A 372 15.32 24.91 -8.64
C ILE A 372 14.67 25.65 -7.49
N TYR A 373 15.20 26.83 -7.18
CA TYR A 373 14.62 27.67 -6.19
C TYR A 373 13.14 27.92 -6.45
N TYR A 374 12.77 28.19 -7.71
CA TYR A 374 11.37 28.60 -8.00
C TYR A 374 10.27 27.59 -7.74
N PRO A 375 10.39 26.41 -8.32
CA PRO A 375 9.36 25.41 -8.07
C PRO A 375 9.30 25.01 -6.59
N PHE A 376 10.44 25.03 -5.90
CA PHE A 376 10.44 24.77 -4.47
C PHE A 376 9.69 25.85 -3.68
N MET A 377 10.01 27.10 -3.94
CA MET A 377 9.28 28.24 -3.34
C MET A 377 7.78 28.15 -3.58
N HIS A 378 7.39 27.90 -4.82
CA HIS A 378 5.97 27.82 -5.16
C HIS A 378 5.26 26.73 -4.37
N ALA A 379 5.84 25.53 -4.38
CA ALA A 379 5.31 24.41 -3.61
C ALA A 379 5.20 24.77 -2.14
N SER A 380 6.21 25.45 -1.61
CA SER A 380 6.23 25.64 -0.16
C SER A 380 5.24 26.74 0.22
N VAL A 381 5.23 27.81 -0.57
CA VAL A 381 4.34 28.94 -0.30
C VAL A 381 2.87 28.62 -0.60
N TYR A 382 2.57 27.99 -1.75
CA TYR A 382 1.13 27.76 -2.14
C TYR A 382 0.61 26.32 -1.91
N GLY A 383 1.41 25.46 -1.26
CA GLY A 383 1.07 24.06 -1.16
C GLY A 383 0.80 23.61 0.25
N ARG A 384 0.30 24.54 1.04
CA ARG A 384 -0.21 24.24 2.35
C ARG A 384 -1.71 24.05 2.22
N GLY A 385 -2.23 23.03 2.90
CA GLY A 385 -3.60 22.60 2.73
C GLY A 385 -3.76 21.09 2.57
N VAL A 386 -4.90 20.67 1.99
CA VAL A 386 -5.23 19.28 1.77
C VAL A 386 -4.85 18.89 0.32
N ALA A 387 -3.94 17.91 0.16
CA ALA A 387 -3.64 17.30 -1.14
C ALA A 387 -4.85 16.48 -1.59
N LEU A 388 -5.37 16.81 -2.77
CA LEU A 388 -6.55 16.13 -3.32
C LEU A 388 -6.12 15.04 -4.29
N HIS A 389 -6.88 13.97 -4.31
CA HIS A 389 -6.64 12.91 -5.25
C HIS A 389 -6.77 13.37 -6.73
N PRO A 390 -5.72 13.19 -7.52
CA PRO A 390 -5.76 13.51 -8.93
C PRO A 390 -6.36 12.32 -9.65
N VAL A 391 -7.38 12.68 -10.40
CA VAL A 391 -7.99 11.81 -11.37
C VAL A 391 -7.68 12.44 -12.71
N ILE A 392 -6.59 11.98 -13.29
CA ILE A 392 -6.08 12.53 -14.49
C ILE A 392 -6.35 11.57 -15.61
N SER A 393 -6.70 12.16 -16.75
CA SER A 393 -6.61 11.49 -18.02
C SER A 393 -5.67 12.32 -18.88
N SER A 394 -4.52 11.76 -19.16
CA SER A 394 -3.48 12.44 -19.91
C SER A 394 -2.87 11.50 -20.92
N PRO A 395 -2.41 12.07 -22.03
CA PRO A 395 -1.63 11.31 -22.99
C PRO A 395 -0.35 10.91 -22.33
N LYS A 396 0.39 10.04 -23.00
CA LYS A 396 1.51 9.37 -22.37
C LYS A 396 2.55 9.02 -23.41
N TYR A 397 3.74 8.70 -22.95
CA TYR A 397 4.85 8.35 -23.82
C TYR A 397 5.77 7.35 -23.14
N ASP A 398 6.53 6.65 -23.96
CA ASP A 398 7.50 5.68 -23.47
C ASP A 398 8.84 6.28 -23.66
N SER A 399 9.69 6.04 -22.67
CA SER A 399 11.08 6.43 -22.67
C SER A 399 11.90 5.17 -22.40
N LYS A 400 13.22 5.32 -22.30
CA LYS A 400 14.18 4.22 -22.14
C LYS A 400 13.83 3.31 -20.94
N ASP A 401 13.50 3.92 -19.80
CA ASP A 401 13.22 3.16 -18.57
C ASP A 401 11.77 3.23 -18.12
N PHE A 402 10.90 3.92 -18.85
CA PHE A 402 9.53 3.98 -18.36
C PHE A 402 8.51 3.80 -19.43
N THR A 403 7.39 3.22 -19.07
CA THR A 403 6.30 3.21 -20.03
C THR A 403 5.03 3.83 -19.43
N ASP A 404 4.17 4.34 -20.30
CA ASP A 404 2.96 5.06 -19.89
C ASP A 404 3.28 6.27 -18.96
N VAL A 405 4.35 7.01 -19.27
CA VAL A 405 4.64 8.32 -18.62
C VAL A 405 3.63 9.40 -19.03
N PRO A 406 2.83 9.90 -18.10
CA PRO A 406 1.92 10.99 -18.44
C PRO A 406 2.70 12.23 -18.87
N TYR A 407 2.22 12.95 -19.87
CA TYR A 407 2.79 14.27 -20.16
C TYR A 407 2.43 15.21 -19.01
N LEU A 408 1.24 15.04 -18.44
CA LEU A 408 0.80 15.83 -17.29
C LEU A 408 1.18 15.19 -15.95
N GLU A 409 2.04 15.89 -15.19
CA GLU A 409 2.24 15.66 -13.75
C GLU A 409 1.52 16.75 -12.98
N SER A 410 0.58 16.41 -12.12
CA SER A 410 -0.27 17.42 -11.50
C SER A 410 -0.98 17.00 -10.21
N ILE A 411 -1.21 17.98 -9.34
CA ILE A 411 -2.02 17.79 -8.17
C ILE A 411 -2.58 19.11 -7.74
N ALA A 412 -3.74 19.10 -7.08
CA ALA A 412 -4.26 20.29 -6.47
C ALA A 412 -4.21 20.17 -4.98
N VAL A 413 -4.07 21.31 -4.32
CA VAL A 413 -4.07 21.40 -2.87
C VAL A 413 -5.07 22.46 -2.50
N TYR A 414 -6.01 22.12 -1.63
CA TYR A 414 -7.06 23.03 -1.23
C TYR A 414 -6.81 23.48 0.21
N ASN A 415 -6.71 24.80 0.39
CA ASN A 415 -6.57 25.40 1.69
C ASN A 415 -7.91 26.02 2.07
N GLU A 416 -8.65 25.35 2.94
CA GLU A 416 -9.97 25.79 3.42
C GLU A 416 -9.97 27.19 4.08
N GLU A 417 -8.88 27.49 4.76
CA GLU A 417 -8.80 28.67 5.59
C GLU A 417 -8.51 29.93 4.77
N LYS A 418 -7.66 29.83 3.75
CA LYS A 418 -7.41 30.94 2.83
C LYS A 418 -8.46 30.96 1.72
N GLU A 419 -9.31 29.92 1.66
CA GLU A 419 -10.28 29.69 0.58
C GLU A 419 -9.60 29.69 -0.81
N GLU A 420 -8.48 28.98 -0.93
CA GLU A 420 -7.73 28.85 -2.19
C GLU A 420 -7.53 27.39 -2.66
N VAL A 421 -7.34 27.21 -3.97
CA VAL A 421 -7.01 25.93 -4.56
C VAL A 421 -5.87 26.20 -5.51
N THR A 422 -4.76 25.49 -5.36
CA THR A 422 -3.62 25.67 -6.24
C THR A 422 -3.39 24.40 -6.95
N ILE A 423 -3.15 24.53 -8.26
CA ILE A 423 -2.96 23.39 -9.11
C ILE A 423 -1.54 23.53 -9.55
N PHE A 424 -0.72 22.57 -9.16
CA PHE A 424 0.65 22.43 -9.63
C PHE A 424 0.61 21.49 -10.77
N ALA A 425 1.35 21.81 -11.83
CA ALA A 425 1.34 20.99 -13.02
C ALA A 425 2.57 21.22 -13.90
N VAL A 426 3.16 20.12 -14.34
CA VAL A 426 4.28 20.13 -15.23
C VAL A 426 3.78 19.51 -16.53
N ASN A 427 4.05 20.20 -17.63
CA ASN A 427 3.97 19.60 -18.97
C ASN A 427 5.33 19.05 -19.39
N ARG A 428 5.42 17.74 -19.39
CA ARG A 428 6.65 17.05 -19.75
C ARG A 428 6.88 17.04 -21.30
N ASP A 429 5.84 17.40 -22.05
CA ASP A 429 5.92 17.31 -23.54
C ASP A 429 7.04 18.20 -24.00
N MET A 430 8.00 17.61 -24.71
CA MET A 430 9.12 18.38 -25.26
C MET A 430 8.73 19.26 -26.49
N GLU A 431 7.57 19.03 -27.10
CA GLU A 431 7.27 19.74 -28.35
C GLU A 431 5.96 20.55 -28.30
N ASP A 432 4.96 20.06 -27.63
CA ASP A 432 3.65 20.65 -27.73
C ASP A 432 3.07 21.12 -26.41
N ALA A 433 2.35 22.22 -26.49
CA ALA A 433 1.50 22.64 -25.40
C ALA A 433 0.53 21.51 -24.98
N LEU A 434 -0.02 21.62 -23.80
CA LEU A 434 -1.03 20.71 -23.33
C LEU A 434 -2.22 21.55 -22.88
N LEU A 435 -3.40 21.26 -23.40
CA LEU A 435 -4.62 21.95 -22.99
C LEU A 435 -5.27 21.21 -21.85
N LEU A 436 -5.02 21.70 -20.66
CA LEU A 436 -5.62 21.15 -19.48
C LEU A 436 -7.04 21.64 -19.27
N GLU A 437 -7.94 20.71 -18.93
CA GLU A 437 -9.27 21.05 -18.50
C GLU A 437 -9.55 20.42 -17.12
N CYS A 438 -9.94 21.23 -16.15
CA CYS A 438 -10.19 20.76 -14.79
C CYS A 438 -11.62 20.98 -14.38
N ASP A 439 -12.23 19.95 -13.86
CA ASP A 439 -13.64 20.00 -13.47
C ASP A 439 -13.72 20.39 -11.96
N VAL A 440 -14.08 21.65 -11.69
CA VAL A 440 -14.19 22.17 -10.33
C VAL A 440 -15.62 22.55 -9.87
N ARG A 441 -16.62 21.72 -10.18
CA ARG A 441 -17.98 21.97 -9.66
C ARG A 441 -17.99 21.99 -8.12
N SER A 442 -17.20 21.09 -7.52
CA SER A 442 -17.07 20.99 -6.06
C SER A 442 -16.74 22.33 -5.37
N PHE A 443 -16.16 23.26 -6.13
CA PHE A 443 -15.85 24.61 -5.61
C PHE A 443 -16.72 25.72 -6.20
N GLU A 444 -17.58 26.29 -5.37
CA GLU A 444 -18.51 27.34 -5.80
C GLU A 444 -17.91 28.73 -5.66
N ASP A 445 -18.09 29.58 -6.67
CA ASP A 445 -17.70 31.01 -6.60
C ASP A 445 -16.17 31.24 -6.63
N TYR A 446 -15.40 30.27 -7.13
CA TYR A 446 -13.95 30.40 -7.24
C TYR A 446 -13.62 31.08 -8.59
N ARG A 447 -12.48 31.78 -8.66
CA ARG A 447 -11.95 32.39 -9.91
C ARG A 447 -10.47 32.12 -10.00
N VAL A 448 -9.87 32.38 -11.16
CA VAL A 448 -8.43 32.32 -11.30
C VAL A 448 -7.80 33.62 -10.75
N ILE A 449 -6.92 33.47 -9.75
CA ILE A 449 -6.10 34.58 -9.26
C ILE A 449 -4.99 34.88 -10.26
N GLU A 450 -4.17 33.87 -10.54
CA GLU A 450 -3.11 33.96 -11.52
C GLU A 450 -2.72 32.57 -11.96
N HIS A 451 -1.89 32.52 -12.98
CA HIS A 451 -1.35 31.30 -13.51
C HIS A 451 0.10 31.62 -13.72
N ILE A 452 0.98 31.04 -12.89
CA ILE A 452 2.43 31.27 -12.99
C ILE A 452 3.09 30.19 -13.82
N VAL A 453 4.10 30.57 -14.58
CA VAL A 453 4.79 29.65 -15.48
C VAL A 453 6.27 29.85 -15.41
N LEU A 454 6.98 28.74 -15.35
CA LEU A 454 8.42 28.70 -15.46
C LEU A 454 8.75 27.88 -16.68
N GLU A 455 9.42 28.52 -17.60
CA GLU A 455 9.64 27.95 -18.92
C GLU A 455 10.83 28.67 -19.47
N HIS A 456 11.65 27.93 -20.20
CA HIS A 456 12.72 28.49 -20.99
C HIS A 456 12.92 27.55 -22.17
N ASP A 457 13.24 28.12 -23.32
CA ASP A 457 13.45 27.33 -24.53
C ASP A 457 14.66 26.43 -24.48
N ASN A 458 15.61 26.71 -23.60
CA ASN A 458 16.81 25.90 -23.53
C ASN A 458 16.82 25.16 -22.19
N VAL A 459 16.67 23.84 -22.22
CA VAL A 459 16.64 23.04 -21.00
C VAL A 459 17.93 23.08 -20.19
N LYS A 460 19.06 23.33 -20.86
CA LYS A 460 20.39 23.40 -20.21
C LYS A 460 20.75 24.79 -19.68
N GLN A 461 19.85 25.76 -19.84
CA GLN A 461 20.16 27.13 -19.44
C GLN A 461 20.23 27.16 -17.93
N THR A 462 21.25 27.81 -17.39
CA THR A 462 21.39 28.00 -15.94
C THR A 462 21.15 29.46 -15.55
N ASN A 463 21.00 29.66 -14.26
CA ASN A 463 21.06 30.96 -13.63
C ASN A 463 22.49 31.16 -13.11
N SER A 464 22.77 32.38 -12.68
CA SER A 464 24.10 32.75 -12.19
C SER A 464 24.00 34.02 -11.37
N ALA A 465 25.10 34.46 -10.78
CA ALA A 465 25.08 35.68 -9.96
C ALA A 465 24.71 36.93 -10.78
N GLN A 466 25.12 36.95 -12.04
CA GLN A 466 25.02 38.11 -12.95
C GLN A 466 23.70 38.21 -13.74
N SER A 467 23.18 37.08 -14.20
CA SER A 467 21.83 37.03 -14.80
C SER A 467 21.06 35.75 -14.48
N SER A 468 19.74 35.92 -14.40
CA SER A 468 18.79 34.83 -14.21
C SER A 468 17.76 34.81 -15.33
N PRO A 469 18.13 34.23 -16.47
CA PRO A 469 17.18 34.05 -17.59
C PRO A 469 15.97 33.12 -17.31
N VAL A 470 16.14 32.29 -16.29
CA VAL A 470 15.17 31.28 -15.95
C VAL A 470 14.43 31.78 -14.71
N VAL A 471 13.28 32.39 -14.92
CA VAL A 471 12.52 33.01 -13.85
C VAL A 471 11.05 32.90 -14.17
N PRO A 472 10.17 32.75 -13.18
CA PRO A 472 8.75 32.64 -13.48
C PRO A 472 8.20 33.92 -14.15
N HIS A 473 7.10 33.78 -14.88
CA HIS A 473 6.25 34.91 -15.23
C HIS A 473 4.81 34.59 -14.83
N ARG A 474 3.93 35.59 -14.93
CA ARG A 474 2.54 35.45 -14.46
C ARG A 474 1.49 35.50 -15.59
N ASN A 475 1.96 35.28 -16.81
CA ASN A 475 1.15 35.41 -18.01
C ASN A 475 0.56 34.10 -18.51
N GLY A 476 0.34 33.13 -17.61
CA GLY A 476 -0.37 31.91 -17.97
C GLY A 476 -1.82 32.22 -18.24
N ASP A 477 -2.42 31.49 -19.17
CA ASP A 477 -3.73 31.88 -19.68
C ASP A 477 -4.94 31.22 -19.00
N ALA A 478 -4.73 30.60 -17.84
CA ALA A 478 -5.80 29.85 -17.19
C ALA A 478 -7.03 30.73 -16.99
N GLN A 479 -8.18 30.16 -17.31
CA GLN A 479 -9.49 30.81 -17.15
C GLN A 479 -10.48 29.81 -16.53
N LEU A 480 -11.42 30.32 -15.75
CA LEU A 480 -12.45 29.49 -15.19
C LEU A 480 -13.83 29.94 -15.74
N SER A 481 -14.46 29.08 -16.58
CA SER A 481 -15.89 29.22 -16.98
C SER A 481 -16.69 27.91 -16.88
N ASP A 482 -18.00 28.08 -16.59
CA ASP A 482 -18.94 27.02 -16.12
C ASP A 482 -18.27 25.83 -15.40
N ARG A 483 -17.73 26.11 -14.22
CA ARG A 483 -17.26 25.10 -13.29
C ARG A 483 -16.06 24.30 -13.87
N LYS A 484 -15.26 24.93 -14.72
CA LYS A 484 -14.15 24.28 -15.39
C LYS A 484 -12.96 25.23 -15.59
N VAL A 485 -11.77 24.87 -15.11
CA VAL A 485 -10.57 25.63 -15.42
C VAL A 485 -9.96 25.08 -16.71
N SER A 486 -9.79 25.93 -17.68
CA SER A 486 -9.06 25.59 -18.89
C SER A 486 -7.77 26.38 -18.82
N ALA A 487 -6.70 25.75 -19.23
CA ALA A 487 -5.38 26.35 -19.13
C ALA A 487 -4.50 25.69 -20.15
N THR A 488 -3.66 26.49 -20.77
CA THR A 488 -2.66 26.02 -21.71
C THR A 488 -1.37 25.87 -20.94
N LEU A 489 -0.82 24.67 -20.96
CA LEU A 489 0.48 24.45 -20.34
C LEU A 489 1.49 24.34 -21.45
N PRO A 490 2.36 25.34 -21.59
CA PRO A 490 3.38 25.29 -22.65
C PRO A 490 4.22 24.04 -22.51
N LYS A 491 4.85 23.64 -23.62
CA LYS A 491 5.81 22.56 -23.58
C LYS A 491 6.83 22.86 -22.49
N LEU A 492 7.33 21.79 -21.88
CA LEU A 492 8.37 21.86 -20.85
C LEU A 492 8.14 22.99 -19.90
N SER A 493 6.96 23.04 -19.31
CA SER A 493 6.65 24.08 -18.35
C SER A 493 6.27 23.53 -16.95
N TRP A 494 6.59 24.30 -15.93
CA TRP A 494 6.07 24.16 -14.57
C TRP A 494 5.03 25.27 -14.45
N ASN A 495 3.89 24.93 -13.88
CA ASN A 495 2.74 25.79 -13.83
C ASN A 495 2.18 25.79 -12.46
N VAL A 496 1.83 26.98 -11.98
CA VAL A 496 1.14 27.09 -10.74
C VAL A 496 -0.11 27.90 -11.00
N ILE A 497 -1.26 27.23 -11.09
CA ILE A 497 -2.53 27.91 -11.33
C ILE A 497 -3.24 28.12 -10.01
N ARG A 498 -3.37 29.36 -9.60
CA ARG A 498 -3.96 29.62 -8.29
C ARG A 498 -5.41 30.08 -8.43
N LEU A 499 -6.30 29.57 -7.56
CA LEU A 499 -7.70 29.92 -7.54
C LEU A 499 -8.11 30.39 -6.17
N GLY A 500 -9.06 31.34 -6.14
CA GLY A 500 -9.59 31.86 -4.88
C GLY A 500 -11.06 32.30 -4.90
N LYS A 501 -11.49 32.84 -3.76
CA LYS A 501 -12.89 33.28 -3.47
C LYS A 501 -13.83 32.12 -3.14
N LYS B 5 -28.39 9.92 8.35
CA LYS B 5 -28.14 10.32 6.96
C LYS B 5 -26.68 9.99 6.50
N ALA B 6 -26.53 9.36 5.32
CA ALA B 6 -25.22 9.14 4.68
C ALA B 6 -25.21 9.57 3.22
N THR B 7 -24.06 10.03 2.76
CA THR B 7 -23.89 10.32 1.34
C THR B 7 -22.79 9.49 0.68
N MET B 8 -22.72 9.57 -0.65
CA MET B 8 -21.86 8.69 -1.43
C MET B 8 -21.74 9.28 -2.83
N ILE B 9 -20.51 9.48 -3.32
CA ILE B 9 -20.32 9.94 -4.69
C ILE B 9 -20.04 8.71 -5.57
N ILE B 10 -20.81 8.56 -6.63
CA ILE B 10 -20.65 7.44 -7.52
C ILE B 10 -20.04 8.05 -8.78
N GLU B 11 -18.71 8.16 -8.77
CA GLU B 11 -17.98 8.82 -9.84
C GLU B 11 -17.29 7.78 -10.76
N LYS B 12 -17.81 7.73 -11.97
CA LYS B 12 -17.36 6.84 -13.04
C LYS B 12 -15.84 6.87 -13.33
N ASP B 13 -15.20 8.01 -13.17
CA ASP B 13 -13.78 8.13 -13.51
C ASP B 13 -12.85 7.88 -12.30
N PHE B 14 -13.43 7.73 -11.10
CA PHE B 14 -12.68 7.27 -9.93
C PHE B 14 -12.81 5.79 -9.71
N LYS B 15 -11.91 5.04 -10.33
CA LYS B 15 -12.00 3.60 -10.43
C LYS B 15 -10.96 2.94 -9.53
N ILE B 16 -11.31 1.82 -8.92
CA ILE B 16 -10.32 0.99 -8.25
C ILE B 16 -9.75 0.09 -9.29
N ALA B 17 -10.56 -0.79 -9.87
CA ALA B 17 -10.07 -1.64 -10.96
C ALA B 17 -11.22 -2.46 -11.49
N GLU B 18 -11.01 -3.06 -12.66
CA GLU B 18 -11.84 -4.14 -13.15
C GLU B 18 -11.86 -5.28 -12.12
N ILE B 19 -13.06 -5.79 -11.83
CA ILE B 19 -13.18 -6.92 -10.97
C ILE B 19 -12.87 -8.21 -11.70
N ASP B 20 -11.92 -8.99 -11.17
CA ASP B 20 -11.70 -10.34 -11.68
C ASP B 20 -12.80 -11.25 -11.20
N LYS B 21 -13.46 -11.93 -12.13
CA LYS B 21 -14.65 -12.71 -11.78
C LYS B 21 -14.34 -13.79 -10.80
N ARG B 22 -13.08 -14.23 -10.75
CA ARG B 22 -12.68 -15.25 -9.79
C ARG B 22 -12.73 -14.81 -8.33
N ILE B 23 -13.04 -13.54 -8.02
CA ILE B 23 -13.31 -13.23 -6.62
C ILE B 23 -14.62 -13.83 -6.17
N TYR B 24 -15.40 -14.38 -7.13
CA TYR B 24 -16.67 -15.09 -6.81
C TYR B 24 -16.48 -16.60 -6.83
N GLY B 25 -15.25 -17.07 -6.62
CA GLY B 25 -14.99 -18.48 -6.59
C GLY B 25 -15.42 -19.13 -5.29
N SER B 26 -15.31 -20.47 -5.21
CA SER B 26 -15.56 -21.20 -3.96
C SER B 26 -14.59 -22.36 -3.88
N PHE B 27 -14.94 -23.36 -3.10
CA PHE B 27 -14.01 -24.35 -2.59
C PHE B 27 -14.82 -25.57 -2.15
N ILE B 28 -14.39 -26.73 -2.63
CA ILE B 28 -14.81 -28.04 -2.11
C ILE B 28 -13.62 -28.92 -1.73
N GLU B 29 -13.62 -29.33 -0.47
CA GLU B 29 -12.67 -30.29 0.06
C GLU B 29 -13.32 -31.66 0.21
N HIS B 30 -12.46 -32.70 0.20
CA HIS B 30 -12.82 -34.02 0.69
C HIS B 30 -12.93 -33.92 2.18
N LEU B 31 -14.06 -33.37 2.61
CA LEU B 31 -14.35 -33.02 3.99
C LEU B 31 -15.85 -33.21 4.19
N GLY B 32 -16.22 -33.97 5.21
CA GLY B 32 -17.62 -34.10 5.61
C GLY B 32 -18.49 -34.66 4.50
N ARG B 33 -19.61 -34.00 4.26
CA ARG B 33 -20.51 -34.33 3.19
C ARG B 33 -20.40 -33.31 2.03
N ALA B 34 -19.28 -32.60 1.90
CA ALA B 34 -19.12 -31.68 0.78
C ALA B 34 -19.16 -32.44 -0.52
N VAL B 35 -18.50 -33.62 -0.54
CA VAL B 35 -18.48 -34.48 -1.72
C VAL B 35 -19.57 -35.58 -1.56
N TYR B 36 -19.35 -36.50 -0.64
CA TYR B 36 -20.21 -37.68 -0.48
C TYR B 36 -21.50 -37.30 0.30
N GLY B 37 -22.64 -37.15 -0.40
CA GLY B 37 -23.85 -36.52 0.17
C GLY B 37 -24.04 -35.06 -0.26
N GLY B 38 -23.10 -34.55 -1.05
CA GLY B 38 -23.09 -33.13 -1.39
C GLY B 38 -23.21 -32.99 -2.87
N ILE B 39 -22.08 -32.90 -3.55
CA ILE B 39 -22.10 -32.86 -4.99
C ILE B 39 -22.50 -34.23 -5.57
N TYR B 40 -22.18 -35.30 -4.83
CA TYR B 40 -22.25 -36.68 -5.28
C TYR B 40 -23.01 -37.66 -4.34
N GLU B 41 -24.15 -38.14 -4.81
CA GLU B 41 -24.97 -39.07 -4.06
C GLU B 41 -25.69 -39.99 -5.03
N PRO B 42 -25.09 -41.15 -5.35
CA PRO B 42 -25.75 -42.12 -6.23
C PRO B 42 -27.11 -42.51 -5.66
N GLY B 43 -28.08 -42.72 -6.53
CA GLY B 43 -29.40 -43.15 -6.08
C GLY B 43 -30.24 -42.08 -5.38
N HIS B 44 -29.75 -40.86 -5.26
CA HIS B 44 -30.62 -39.71 -4.97
C HIS B 44 -31.63 -39.58 -6.12
N PRO B 45 -32.91 -39.33 -5.82
CA PRO B 45 -33.88 -39.14 -6.90
C PRO B 45 -33.38 -38.16 -7.99
N GLN B 46 -32.61 -37.13 -7.66
CA GLN B 46 -32.10 -36.19 -8.65
C GLN B 46 -30.64 -36.45 -9.12
N ALA B 47 -30.09 -37.61 -8.80
CA ALA B 47 -28.76 -37.97 -9.28
C ALA B 47 -28.77 -38.19 -10.79
N ASP B 48 -27.76 -37.65 -11.49
CA ASP B 48 -27.61 -37.92 -12.91
C ASP B 48 -26.91 -39.27 -13.13
N GLU B 49 -26.49 -39.52 -14.36
CA GLU B 49 -25.93 -40.83 -14.75
C GLU B 49 -24.55 -41.10 -14.10
N ASN B 50 -23.84 -40.04 -13.75
CA ASN B 50 -22.56 -40.12 -13.04
C ASN B 50 -22.65 -40.04 -11.50
N GLY B 51 -23.86 -39.82 -10.97
CA GLY B 51 -24.11 -39.81 -9.54
C GLY B 51 -24.18 -38.43 -8.90
N PHE B 52 -24.06 -37.38 -9.71
CA PHE B 52 -24.06 -36.00 -9.24
C PHE B 52 -25.45 -35.44 -9.03
N ARG B 53 -25.71 -34.88 -7.86
CA ARG B 53 -27.03 -34.33 -7.58
C ARG B 53 -27.30 -33.15 -8.47
N GLN B 54 -28.39 -33.23 -9.24
CA GLN B 54 -28.83 -32.15 -10.13
C GLN B 54 -29.35 -30.90 -9.44
N ASP B 55 -29.99 -31.06 -8.28
CA ASP B 55 -30.44 -29.89 -7.54
C ASP B 55 -29.22 -29.05 -7.08
N VAL B 56 -28.19 -29.74 -6.60
CA VAL B 56 -26.97 -29.05 -6.17
C VAL B 56 -26.36 -28.33 -7.37
N ILE B 57 -26.33 -29.03 -8.51
CA ILE B 57 -25.79 -28.45 -9.73
C ILE B 57 -26.50 -27.16 -10.12
N GLU B 58 -27.83 -27.13 -10.05
CA GLU B 58 -28.57 -25.90 -10.42
C GLU B 58 -28.32 -24.75 -9.44
N LEU B 59 -28.17 -25.09 -8.14
CA LEU B 59 -27.92 -24.08 -7.10
C LEU B 59 -26.58 -23.39 -7.29
N VAL B 60 -25.57 -24.16 -7.70
CA VAL B 60 -24.23 -23.63 -7.94
C VAL B 60 -24.26 -22.77 -9.19
N LYS B 61 -24.92 -23.21 -10.26
CA LYS B 61 -25.00 -22.40 -11.50
C LYS B 61 -25.69 -21.08 -11.23
N GLU B 62 -26.65 -21.08 -10.34
CA GLU B 62 -27.35 -19.84 -10.07
C GLU B 62 -26.38 -18.84 -9.41
N LEU B 63 -25.45 -19.35 -8.59
CA LEU B 63 -24.39 -18.50 -7.99
C LEU B 63 -23.32 -17.97 -8.95
N GLN B 64 -23.23 -18.60 -10.11
CA GLN B 64 -22.28 -18.26 -11.17
C GLN B 64 -20.82 -18.28 -10.65
N VAL B 65 -20.50 -19.34 -9.92
CA VAL B 65 -19.13 -19.54 -9.41
C VAL B 65 -18.21 -19.87 -10.56
N PRO B 66 -17.22 -19.03 -10.85
CA PRO B 66 -16.34 -19.34 -12.00
C PRO B 66 -15.18 -20.29 -11.74
N ILE B 67 -14.77 -20.42 -10.49
CA ILE B 67 -13.61 -21.27 -10.12
C ILE B 67 -13.80 -21.89 -8.74
N ILE B 68 -13.36 -23.13 -8.60
CA ILE B 68 -13.60 -23.89 -7.37
C ILE B 68 -12.30 -24.57 -7.04
N ARG B 69 -11.76 -24.19 -5.90
CA ARG B 69 -10.57 -24.82 -5.33
C ARG B 69 -10.92 -26.24 -4.86
N TYR B 70 -9.99 -27.17 -5.07
CA TYR B 70 -10.16 -28.61 -4.85
C TYR B 70 -8.76 -29.25 -4.86
N PRO B 71 -8.48 -30.33 -4.12
CA PRO B 71 -9.36 -30.98 -3.15
C PRO B 71 -9.15 -30.60 -1.68
N GLY B 72 -8.36 -29.58 -1.44
CA GLY B 72 -8.12 -29.15 -0.08
C GLY B 72 -7.26 -27.90 -0.09
N GLY B 73 -7.07 -27.29 1.06
CA GLY B 73 -7.58 -27.76 2.34
C GLY B 73 -6.64 -28.75 3.02
N ASN B 74 -6.87 -28.91 4.31
CA ASN B 74 -6.04 -29.75 5.17
C ASN B 74 -5.95 -31.19 4.66
N PHE B 75 -7.02 -31.64 3.99
CA PHE B 75 -7.06 -32.98 3.39
C PHE B 75 -5.96 -33.22 2.37
N VAL B 76 -5.61 -32.20 1.57
CA VAL B 76 -4.63 -32.47 0.49
C VAL B 76 -3.21 -32.79 1.01
N SER B 77 -2.89 -32.35 2.22
CA SER B 77 -1.54 -32.43 2.76
C SER B 77 -1.13 -33.87 3.11
N GLY B 78 -2.13 -34.75 3.18
CA GLY B 78 -1.90 -36.19 3.39
C GLY B 78 -2.40 -37.12 2.29
N TYR B 79 -2.72 -36.54 1.13
CA TYR B 79 -3.43 -37.22 0.05
C TYR B 79 -2.53 -37.61 -1.10
N ASN B 80 -2.68 -38.84 -1.57
CA ASN B 80 -2.06 -39.29 -2.81
C ASN B 80 -3.02 -39.28 -3.95
N TRP B 81 -2.74 -38.45 -4.95
CA TRP B 81 -3.68 -38.22 -6.02
C TRP B 81 -4.00 -39.49 -6.80
N GLU B 82 -3.01 -40.39 -6.86
CA GLU B 82 -3.15 -41.63 -7.59
C GLU B 82 -4.20 -42.55 -6.98
N ASP B 83 -4.39 -42.43 -5.66
CA ASP B 83 -5.42 -43.18 -4.95
C ASP B 83 -6.86 -42.85 -5.43
N GLY B 84 -7.09 -41.72 -6.08
CA GLY B 84 -8.42 -41.39 -6.57
C GLY B 84 -8.59 -41.38 -8.08
N VAL B 85 -7.68 -42.05 -8.79
CA VAL B 85 -7.84 -42.19 -10.23
C VAL B 85 -7.76 -43.67 -10.61
N GLY B 86 -8.36 -43.98 -11.75
CA GLY B 86 -8.33 -45.34 -12.29
C GLY B 86 -9.49 -46.15 -11.75
N PRO B 87 -9.52 -47.42 -12.07
CA PRO B 87 -10.66 -48.26 -11.70
C PRO B 87 -10.88 -48.27 -10.21
N LYS B 88 -12.13 -48.05 -9.82
CA LYS B 88 -12.53 -47.95 -8.41
C LYS B 88 -12.06 -49.13 -7.55
N GLU B 89 -11.94 -50.33 -8.14
CA GLU B 89 -11.55 -51.55 -7.43
C GLU B 89 -10.15 -51.50 -6.89
N GLN B 90 -9.30 -50.78 -7.61
CA GLN B 90 -7.92 -50.65 -7.23
C GLN B 90 -7.67 -49.36 -6.36
N ARG B 91 -8.70 -48.56 -6.15
CA ARG B 91 -8.62 -47.37 -5.27
C ARG B 91 -8.70 -47.83 -3.83
N PRO B 92 -7.72 -47.49 -2.98
CA PRO B 92 -7.66 -47.97 -1.60
C PRO B 92 -8.45 -47.07 -0.65
N ARG B 93 -8.86 -47.62 0.47
CA ARG B 93 -9.47 -46.86 1.52
C ARG B 93 -8.36 -46.30 2.43
N ARG B 94 -8.39 -44.99 2.70
CA ARG B 94 -7.32 -44.31 3.46
C ARG B 94 -7.83 -43.66 4.74
N LEU B 95 -6.98 -43.63 5.78
CA LEU B 95 -7.21 -42.80 6.96
C LEU B 95 -6.81 -41.38 6.57
N ASP B 96 -7.82 -40.53 6.45
CA ASP B 96 -7.61 -39.10 6.32
C ASP B 96 -7.31 -38.54 7.70
N LEU B 97 -6.05 -38.21 7.99
CA LEU B 97 -5.68 -37.64 9.29
C LEU B 97 -6.21 -36.20 9.52
N ALA B 98 -6.54 -35.49 8.44
CA ALA B 98 -6.99 -34.12 8.58
C ALA B 98 -8.27 -34.05 9.36
N TRP B 99 -9.27 -34.86 8.96
CA TRP B 99 -10.63 -34.84 9.52
C TRP B 99 -11.00 -36.18 10.15
N LYS B 100 -9.98 -36.99 10.41
CA LYS B 100 -10.14 -38.25 11.12
C LYS B 100 -11.32 -39.06 10.54
N SER B 101 -11.30 -39.25 9.23
CA SER B 101 -12.36 -39.96 8.51
C SER B 101 -11.70 -41.01 7.62
N VAL B 102 -12.48 -42.03 7.23
CA VAL B 102 -12.05 -42.96 6.21
C VAL B 102 -12.48 -42.40 4.86
N GLU B 103 -11.51 -42.21 3.98
CA GLU B 103 -11.75 -41.73 2.63
C GLU B 103 -11.66 -42.94 1.71
N THR B 104 -12.80 -43.29 1.13
CA THR B 104 -12.90 -44.44 0.23
C THR B 104 -12.27 -44.11 -1.14
N ASN B 105 -12.19 -42.82 -1.48
CA ASN B 105 -11.68 -42.36 -2.78
C ASN B 105 -12.62 -42.71 -3.96
N GLU B 106 -13.87 -42.95 -3.68
CA GLU B 106 -14.83 -43.23 -4.74
C GLU B 106 -14.97 -42.01 -5.65
N ILE B 107 -14.81 -40.82 -5.08
CA ILE B 107 -14.55 -39.63 -5.89
C ILE B 107 -13.05 -39.27 -5.86
N GLY B 108 -12.49 -39.06 -7.04
CA GLY B 108 -11.19 -38.44 -7.20
C GLY B 108 -11.16 -37.45 -8.35
N LEU B 109 -9.96 -37.09 -8.78
CA LEU B 109 -9.86 -35.85 -9.52
C LEU B 109 -10.60 -35.88 -10.86
N ASN B 110 -10.66 -37.00 -11.55
CA ASN B 110 -11.33 -37.02 -12.84
C ASN B 110 -12.84 -36.85 -12.70
N GLU B 111 -13.45 -37.50 -11.73
CA GLU B 111 -14.86 -37.29 -11.44
C GLU B 111 -15.14 -35.86 -10.96
N PHE B 112 -14.20 -35.26 -10.24
CA PHE B 112 -14.48 -33.89 -9.78
C PHE B 112 -14.51 -32.95 -10.99
N MET B 113 -13.57 -33.13 -11.92
CA MET B 113 -13.56 -32.32 -13.14
C MET B 113 -14.86 -32.53 -13.92
N ASP B 114 -15.35 -33.76 -13.95
CA ASP B 114 -16.65 -34.05 -14.57
C ASP B 114 -17.74 -33.19 -13.95
N TRP B 115 -17.75 -33.07 -12.63
CA TRP B 115 -18.75 -32.24 -11.95
C TRP B 115 -18.55 -30.76 -12.22
N ALA B 116 -17.27 -30.35 -12.27
CA ALA B 116 -16.94 -28.97 -12.44
C ALA B 116 -17.44 -28.49 -13.82
N LYS B 117 -17.32 -29.37 -14.81
CA LYS B 117 -17.84 -29.11 -16.15
C LYS B 117 -19.36 -28.87 -16.10
N MET B 118 -20.07 -29.62 -15.27
CA MET B 118 -21.53 -29.43 -15.16
C MET B 118 -21.92 -28.07 -14.62
N VAL B 119 -21.15 -27.52 -13.68
CA VAL B 119 -21.53 -26.24 -13.09
C VAL B 119 -20.84 -25.07 -13.81
N GLY B 120 -20.04 -25.37 -14.83
CA GLY B 120 -19.43 -24.31 -15.63
C GLY B 120 -18.25 -23.61 -14.94
N ALA B 121 -17.60 -24.30 -14.00
CA ALA B 121 -16.52 -23.73 -13.19
C ALA B 121 -15.21 -24.38 -13.55
N GLU B 122 -14.15 -23.59 -13.62
CA GLU B 122 -12.78 -24.14 -13.70
C GLU B 122 -12.34 -24.62 -12.32
N VAL B 123 -11.25 -25.38 -12.27
CA VAL B 123 -10.82 -25.97 -11.01
C VAL B 123 -9.44 -25.45 -10.61
N ASN B 124 -9.35 -25.00 -9.36
CA ASN B 124 -8.10 -24.52 -8.76
C ASN B 124 -7.51 -25.70 -8.00
N MET B 125 -6.66 -26.47 -8.69
CA MET B 125 -6.20 -27.74 -8.18
C MET B 125 -5.02 -27.53 -7.23
N ALA B 126 -5.04 -28.26 -6.11
CA ALA B 126 -4.04 -28.13 -5.08
C ALA B 126 -3.20 -29.39 -5.09
N VAL B 127 -1.90 -29.22 -4.93
CA VAL B 127 -0.98 -30.37 -4.84
C VAL B 127 -0.53 -30.55 -3.41
N ASN B 128 -0.32 -31.80 -3.01
CA ASN B 128 0.13 -32.16 -1.66
C ASN B 128 1.62 -31.76 -1.48
N LEU B 129 1.93 -30.79 -0.64
CA LEU B 129 3.35 -30.58 -0.22
C LEU B 129 3.55 -30.85 1.30
N GLY B 130 2.68 -31.66 1.86
CA GLY B 130 2.76 -32.12 3.22
C GLY B 130 3.58 -33.37 3.31
N THR B 131 2.96 -34.49 2.94
CA THR B 131 3.66 -35.74 2.90
C THR B 131 4.39 -35.95 1.59
N ARG B 132 4.13 -35.12 0.57
CA ARG B 132 4.74 -35.33 -0.73
C ARG B 132 5.46 -34.06 -1.22
N GLY B 133 5.93 -34.07 -2.45
CA GLY B 133 6.80 -33.03 -2.93
C GLY B 133 6.86 -32.84 -4.44
N ILE B 134 8.07 -32.60 -4.93
CA ILE B 134 8.16 -32.04 -6.23
C ILE B 134 7.89 -33.13 -7.27
N ASP B 135 8.26 -34.39 -6.99
CA ASP B 135 8.01 -35.41 -7.99
C ASP B 135 6.49 -35.58 -8.25
N ALA B 136 5.71 -35.75 -7.19
CA ALA B 136 4.25 -35.84 -7.32
C ALA B 136 3.62 -34.61 -7.96
N ALA B 137 4.25 -33.45 -7.77
CA ALA B 137 3.69 -32.22 -8.27
C ALA B 137 3.81 -32.18 -9.79
N ARG B 138 5.00 -32.48 -10.30
CA ARG B 138 5.16 -32.58 -11.73
C ARG B 138 4.32 -33.68 -12.37
N ASN B 139 4.22 -34.84 -11.72
CA ASN B 139 3.48 -35.96 -12.29
C ASN B 139 1.97 -35.65 -12.39
N LEU B 140 1.45 -34.92 -11.41
CA LEU B 140 0.02 -34.55 -11.44
C LEU B 140 -0.27 -33.48 -12.49
N VAL B 141 0.67 -32.56 -12.70
CA VAL B 141 0.49 -31.55 -13.75
C VAL B 141 0.53 -32.23 -15.15
N GLU B 142 1.44 -33.17 -15.32
CA GLU B 142 1.55 -33.94 -16.56
C GLU B 142 0.28 -34.74 -16.81
N TYR B 143 -0.19 -35.42 -15.78
CA TYR B 143 -1.35 -36.27 -15.85
C TYR B 143 -2.56 -35.45 -16.26
N CYS B 144 -2.72 -34.28 -15.65
CA CYS B 144 -3.85 -33.40 -15.96
C CYS B 144 -3.73 -32.61 -17.26
N ASN B 145 -2.53 -32.17 -17.62
CA ASN B 145 -2.37 -31.13 -18.64
C ASN B 145 -1.63 -31.51 -19.93
N HIS B 146 -0.75 -32.49 -19.90
CA HIS B 146 0.02 -32.85 -21.08
C HIS B 146 -0.86 -33.69 -22.02
N PRO B 147 -0.90 -33.39 -23.34
CA PRO B 147 -1.80 -34.13 -24.29
C PRO B 147 -1.76 -35.65 -24.27
N SER B 148 -0.58 -36.22 -24.47
CA SER B 148 -0.41 -37.64 -24.70
C SER B 148 1.07 -37.87 -24.95
N GLY B 149 1.46 -39.11 -25.10
CA GLY B 149 2.84 -39.49 -25.46
C GLY B 149 3.81 -39.67 -24.29
N SER B 150 3.32 -39.59 -23.05
CA SER B 150 4.13 -39.91 -21.89
C SER B 150 3.35 -40.79 -20.93
N TYR B 151 4.05 -41.38 -19.98
CA TYR B 151 3.40 -42.35 -19.12
C TYR B 151 2.17 -41.76 -18.48
N TYR B 152 2.29 -40.58 -17.84
CA TYR B 152 1.18 -40.04 -17.06
C TYR B 152 0.06 -39.43 -17.90
N SER B 153 0.38 -38.84 -19.06
CA SER B 153 -0.65 -38.36 -19.94
C SER B 153 -1.47 -39.52 -20.58
N ASP B 154 -0.79 -40.53 -21.08
CA ASP B 154 -1.48 -41.72 -21.60
C ASP B 154 -2.28 -42.38 -20.49
N LEU B 155 -1.87 -42.19 -19.22
CA LEU B 155 -2.50 -42.88 -18.13
C LEU B 155 -3.86 -42.26 -17.90
N ARG B 156 -3.90 -40.93 -17.98
CA ARG B 156 -5.16 -40.21 -17.89
C ARG B 156 -6.13 -40.67 -19.00
N ILE B 157 -5.60 -40.81 -20.20
CA ILE B 157 -6.35 -41.20 -21.41
C ILE B 157 -7.01 -42.56 -21.17
N ALA B 158 -6.18 -43.50 -20.72
CA ALA B 158 -6.55 -44.85 -20.33
C ALA B 158 -7.59 -44.96 -19.22
N HIS B 159 -7.57 -43.98 -18.32
CA HIS B 159 -8.53 -43.85 -17.24
C HIS B 159 -9.86 -43.32 -17.76
N GLY B 160 -9.85 -42.83 -19.00
CA GLY B 160 -11.06 -42.48 -19.76
C GLY B 160 -11.24 -41.00 -20.04
N TYR B 161 -10.16 -40.24 -20.02
CA TYR B 161 -10.21 -38.78 -20.23
C TYR B 161 -9.15 -38.45 -21.24
N LYS B 162 -9.59 -38.43 -22.50
CA LYS B 162 -8.69 -38.35 -23.63
C LYS B 162 -8.10 -36.96 -23.75
N GLU B 163 -8.94 -35.93 -23.59
CA GLU B 163 -8.48 -34.55 -23.66
C GLU B 163 -7.95 -34.18 -22.26
N PRO B 164 -6.87 -33.40 -22.22
CA PRO B 164 -6.38 -32.88 -20.96
C PRO B 164 -7.38 -32.03 -20.23
N HIS B 165 -7.36 -32.11 -18.92
CA HIS B 165 -8.18 -31.17 -18.12
C HIS B 165 -7.72 -29.71 -18.32
N LYS B 166 -6.45 -29.48 -18.65
CA LYS B 166 -5.97 -28.14 -18.92
C LYS B 166 -6.26 -27.17 -17.75
N ILE B 167 -5.90 -27.61 -16.54
CA ILE B 167 -6.08 -26.78 -15.34
C ILE B 167 -5.10 -25.62 -15.36
N LYS B 168 -5.61 -24.41 -15.23
CA LYS B 168 -4.79 -23.22 -15.29
C LYS B 168 -4.10 -22.83 -13.97
N THR B 169 -4.83 -22.86 -12.85
CA THR B 169 -4.42 -22.20 -11.61
C THR B 169 -4.26 -23.28 -10.53
N TRP B 170 -3.03 -23.49 -10.03
CA TRP B 170 -2.74 -24.48 -9.00
C TRP B 170 -2.32 -23.88 -7.65
N CYS B 171 -2.68 -24.57 -6.57
CA CYS B 171 -2.25 -24.25 -5.22
C CYS B 171 -1.07 -25.16 -4.83
N LEU B 172 0.05 -24.54 -4.48
CA LEU B 172 1.25 -25.22 -3.96
C LEU B 172 1.05 -25.60 -2.49
N GLY B 173 0.42 -26.74 -2.31
CA GLY B 173 0.07 -27.22 -1.00
C GLY B 173 -1.08 -26.48 -0.40
N ASN B 174 -1.33 -26.80 0.84
CA ASN B 174 -2.31 -26.08 1.62
C ASN B 174 -1.49 -25.41 2.73
N ALA B 175 -2.08 -24.43 3.45
CA ALA B 175 -1.35 -23.69 4.46
C ALA B 175 -0.69 -24.66 5.43
N MET B 176 0.64 -24.66 5.51
CA MET B 176 1.29 -25.59 6.42
C MET B 176 2.02 -24.92 7.57
N ASP B 177 1.65 -23.66 7.85
CA ASP B 177 2.23 -22.90 8.96
C ASP B 177 1.71 -23.41 10.30
N GLY B 178 0.65 -24.20 10.29
CA GLY B 178 0.05 -24.64 11.53
C GLY B 178 0.63 -25.91 12.08
N PRO B 179 0.78 -25.99 13.39
CA PRO B 179 1.05 -27.26 14.08
C PRO B 179 -0.04 -28.38 13.90
N TRP B 180 -1.21 -28.04 13.38
CA TRP B 180 -2.26 -29.01 13.21
C TRP B 180 -2.25 -29.56 11.78
N GLN B 181 -1.36 -29.07 10.92
CA GLN B 181 -1.35 -29.48 9.50
C GLN B 181 -0.53 -30.80 9.37
N ILE B 182 -0.92 -31.63 8.42
CA ILE B 182 -0.14 -32.79 8.12
C ILE B 182 1.08 -32.23 7.43
N GLY B 183 2.26 -32.60 7.92
CA GLY B 183 3.50 -32.24 7.27
C GLY B 183 3.71 -30.75 7.35
N HIS B 184 3.41 -30.17 8.52
CA HIS B 184 3.75 -28.78 8.82
C HIS B 184 5.15 -28.44 8.37
N LYS B 185 5.30 -27.22 7.82
CA LYS B 185 6.63 -26.77 7.45
C LYS B 185 6.83 -25.34 7.91
N THR B 186 8.06 -25.03 8.32
CA THR B 186 8.44 -23.65 8.58
C THR B 186 8.34 -22.88 7.30
N ALA B 187 8.33 -21.54 7.39
CA ALA B 187 8.30 -20.70 6.21
C ALA B 187 9.48 -20.99 5.28
N VAL B 188 10.67 -21.23 5.82
CA VAL B 188 11.80 -21.58 4.98
C VAL B 188 11.59 -22.93 4.29
N GLU B 189 11.18 -23.93 5.04
CA GLU B 189 11.01 -25.24 4.48
C GLU B 189 9.93 -25.22 3.38
N TYR B 190 8.83 -24.54 3.65
CA TYR B 190 7.72 -24.49 2.74
C TYR B 190 8.18 -23.67 1.53
N GLY B 191 8.85 -22.58 1.79
CA GLY B 191 9.29 -21.73 0.74
C GLY B 191 10.18 -22.48 -0.24
N ARG B 192 11.12 -23.27 0.27
CA ARG B 192 12.05 -24.00 -0.58
C ARG B 192 11.31 -25.07 -1.39
N ILE B 193 10.39 -25.81 -0.77
CA ILE B 193 9.72 -26.88 -1.54
C ILE B 193 8.67 -26.33 -2.55
N ALA B 194 8.00 -25.23 -2.17
CA ALA B 194 7.07 -24.53 -3.05
C ALA B 194 7.81 -23.99 -4.26
N CYS B 195 9.00 -23.47 -4.02
CA CYS B 195 9.85 -22.97 -5.08
C CYS B 195 10.18 -24.04 -6.11
N GLU B 196 10.65 -25.21 -5.66
CA GLU B 196 11.08 -26.29 -6.55
C GLU B 196 9.92 -27.00 -7.24
N ALA B 197 8.79 -27.11 -6.53
CA ALA B 197 7.54 -27.58 -7.10
C ALA B 197 7.02 -26.67 -8.20
N ALA B 198 7.04 -25.36 -7.95
CA ALA B 198 6.53 -24.36 -8.90
C ALA B 198 7.32 -24.48 -10.17
N LYS B 199 8.63 -24.62 -10.06
CA LYS B 199 9.50 -24.80 -11.23
C LYS B 199 9.15 -26.00 -12.10
N VAL B 200 9.13 -27.21 -11.54
CA VAL B 200 8.89 -28.41 -12.34
C VAL B 200 7.44 -28.41 -12.90
N MET B 201 6.50 -27.89 -12.13
CA MET B 201 5.11 -27.73 -12.60
C MET B 201 5.06 -26.84 -13.85
N LYS B 202 5.67 -25.66 -13.77
CA LYS B 202 5.64 -24.72 -14.90
C LYS B 202 6.46 -25.25 -16.10
N TRP B 203 7.48 -26.08 -15.86
CA TRP B 203 8.24 -26.74 -16.94
C TRP B 203 7.39 -27.80 -17.69
N VAL B 204 6.54 -28.53 -16.98
CA VAL B 204 5.59 -29.46 -17.62
C VAL B 204 4.66 -28.57 -18.49
N ASP B 205 4.07 -27.53 -17.88
CA ASP B 205 3.15 -26.62 -18.58
C ASP B 205 3.33 -25.15 -18.21
N PRO B 206 4.06 -24.39 -19.04
CA PRO B 206 4.27 -22.96 -18.78
C PRO B 206 2.99 -22.09 -18.79
N THR B 207 1.83 -22.62 -19.20
CA THR B 207 0.62 -21.84 -19.20
C THR B 207 -0.01 -21.68 -17.84
N ILE B 208 0.40 -22.48 -16.85
CA ILE B 208 -0.18 -22.44 -15.53
C ILE B 208 0.24 -21.21 -14.75
N GLU B 209 -0.53 -20.93 -13.69
CA GLU B 209 -0.22 -19.91 -12.70
C GLU B 209 -0.31 -20.60 -11.33
N LEU B 210 0.54 -20.15 -10.40
CA LEU B 210 0.73 -20.76 -9.09
C LEU B 210 0.35 -19.81 -7.96
N VAL B 211 -0.31 -20.38 -6.95
CA VAL B 211 -0.69 -19.71 -5.71
C VAL B 211 0.19 -20.32 -4.59
N VAL B 212 1.09 -19.52 -3.99
CA VAL B 212 1.80 -19.96 -2.77
C VAL B 212 0.95 -19.67 -1.56
N CYS B 213 1.01 -20.54 -0.55
CA CYS B 213 0.20 -20.43 0.67
C CYS B 213 0.72 -19.38 1.64
N GLY B 214 -0.18 -18.53 2.07
CA GLY B 214 0.05 -17.61 3.14
C GLY B 214 -0.28 -18.27 4.47
N SER B 215 -0.45 -17.44 5.48
CA SER B 215 -0.73 -17.97 6.83
C SER B 215 -2.10 -18.64 6.88
N SER B 216 -2.23 -19.67 7.70
CA SER B 216 -3.55 -20.33 7.76
C SER B 216 -4.58 -19.36 8.42
N ASN B 217 -4.08 -18.29 9.04
CA ASN B 217 -4.87 -17.47 9.91
C ASN B 217 -4.06 -16.16 10.28
N ARG B 218 -4.72 -15.03 10.34
CA ARG B 218 -4.11 -13.76 10.72
C ARG B 218 -3.53 -13.73 12.14
N ASN B 219 -4.04 -14.59 13.01
CA ASN B 219 -3.65 -14.66 14.42
C ASN B 219 -2.47 -15.62 14.65
N MET B 220 -2.02 -16.30 13.60
CA MET B 220 -0.85 -17.19 13.76
C MET B 220 0.33 -16.39 14.30
N PRO B 221 1.11 -16.98 15.20
CA PRO B 221 2.34 -16.32 15.68
C PRO B 221 3.32 -15.98 14.57
N THR B 222 3.28 -16.66 13.42
CA THR B 222 4.21 -16.38 12.33
C THR B 222 3.57 -15.51 11.25
N PHE B 223 2.40 -14.96 11.52
CA PHE B 223 1.76 -14.12 10.56
C PHE B 223 2.65 -12.95 10.12
N ALA B 224 2.66 -12.75 8.82
CA ALA B 224 3.36 -11.69 8.10
C ALA B 224 4.82 -12.08 7.82
N GLU B 225 5.50 -12.52 8.87
CA GLU B 225 6.83 -13.12 8.75
C GLU B 225 6.80 -14.27 7.76
N TRP B 226 5.77 -15.09 7.85
CA TRP B 226 5.57 -16.24 6.96
C TRP B 226 5.52 -15.79 5.51
N GLU B 227 4.59 -14.89 5.22
CA GLU B 227 4.42 -14.41 3.85
C GLU B 227 5.66 -13.80 3.27
N ALA B 228 6.36 -13.00 4.05
CA ALA B 228 7.58 -12.36 3.55
C ALA B 228 8.67 -13.39 3.21
N THR B 229 8.84 -14.37 4.09
CA THR B 229 9.82 -15.44 3.85
C THR B 229 9.45 -16.34 2.66
N VAL B 230 8.19 -16.71 2.60
CA VAL B 230 7.69 -17.56 1.55
C VAL B 230 7.89 -16.85 0.20
N LEU B 231 7.59 -15.55 0.18
CA LEU B 231 7.66 -14.80 -1.06
C LEU B 231 9.12 -14.60 -1.46
N ASP B 232 9.97 -14.43 -0.47
CA ASP B 232 11.42 -14.30 -0.72
C ASP B 232 11.96 -15.52 -1.44
N HIS B 233 11.39 -16.67 -1.12
CA HIS B 233 11.78 -17.93 -1.73
C HIS B 233 11.16 -18.27 -3.06
N THR B 234 10.00 -17.68 -3.35
CA THR B 234 9.17 -18.13 -4.48
C THR B 234 8.79 -17.00 -5.48
N TYR B 235 9.14 -15.73 -5.20
CA TYR B 235 8.57 -14.59 -5.95
C TYR B 235 8.56 -14.79 -7.46
N ASP B 236 9.73 -15.14 -8.00
CA ASP B 236 9.89 -15.29 -9.43
C ASP B 236 9.12 -16.42 -10.04
N HIS B 237 8.68 -17.42 -9.26
CA HIS B 237 8.02 -18.58 -9.83
C HIS B 237 6.53 -18.67 -9.62
N VAL B 238 5.97 -17.74 -8.83
CA VAL B 238 4.57 -17.76 -8.44
C VAL B 238 3.83 -16.49 -8.87
N ASP B 239 2.50 -16.51 -8.74
CA ASP B 239 1.62 -15.44 -9.29
C ASP B 239 0.71 -14.81 -8.25
N TYR B 240 0.47 -15.53 -7.18
CA TYR B 240 -0.50 -15.13 -6.16
C TYR B 240 -0.04 -15.67 -4.84
N ILE B 241 -0.35 -14.95 -3.77
CA ILE B 241 -0.24 -15.49 -2.42
C ILE B 241 -1.62 -15.51 -1.80
N SER B 242 -1.91 -16.54 -1.03
CA SER B 242 -3.21 -16.65 -0.38
C SER B 242 -3.32 -16.08 1.03
N LEU B 243 -4.57 -15.82 1.41
CA LEU B 243 -4.96 -15.47 2.73
C LEU B 243 -6.26 -16.15 3.03
N HIS B 244 -6.47 -16.38 4.31
CA HIS B 244 -7.57 -17.17 4.83
C HIS B 244 -8.12 -16.40 6.03
N GLN B 245 -9.44 -16.32 6.13
CA GLN B 245 -10.07 -15.73 7.31
C GLN B 245 -11.51 -16.27 7.53
N TYR B 246 -11.79 -16.68 8.77
CA TYR B 246 -13.15 -17.04 9.21
C TYR B 246 -13.56 -16.15 10.37
N TYR B 247 -14.85 -15.86 10.45
CA TYR B 247 -15.40 -15.01 11.51
C TYR B 247 -16.52 -15.76 12.22
N GLY B 248 -16.78 -15.30 13.44
CA GLY B 248 -17.75 -15.93 14.33
C GLY B 248 -18.27 -14.94 15.35
N ASN B 249 -19.50 -15.18 15.79
CA ASN B 249 -20.08 -14.32 16.82
C ASN B 249 -20.28 -15.11 18.10
N ARG B 250 -19.17 -15.54 18.70
CA ARG B 250 -19.24 -16.41 19.87
C ARG B 250 -19.67 -15.65 21.12
N ASP B 251 -19.39 -14.34 21.22
CA ASP B 251 -19.87 -13.52 22.35
C ASP B 251 -21.18 -12.72 22.14
N ASN B 252 -21.98 -13.11 21.14
CA ASN B 252 -23.27 -12.49 20.89
C ASN B 252 -23.25 -10.95 20.91
N ASP B 253 -22.34 -10.38 20.13
CA ASP B 253 -22.24 -8.95 20.00
C ASP B 253 -22.31 -8.63 18.53
N THR B 254 -23.54 -8.48 18.06
CA THR B 254 -23.81 -8.04 16.68
C THR B 254 -23.07 -6.79 16.18
N ALA B 255 -23.02 -5.74 16.99
CA ALA B 255 -22.45 -4.50 16.53
C ALA B 255 -20.96 -4.64 16.17
N ASN B 256 -20.26 -5.44 16.96
CA ASN B 256 -18.84 -5.73 16.84
C ASN B 256 -18.63 -6.71 15.70
N TYR B 257 -19.56 -7.67 15.61
CA TYR B 257 -19.50 -8.74 14.62
C TYR B 257 -19.58 -8.18 13.18
N LEU B 258 -20.51 -7.24 12.96
CA LEU B 258 -20.64 -6.61 11.62
C LEU B 258 -19.46 -5.73 11.24
N ALA B 259 -18.63 -5.36 12.20
CA ALA B 259 -17.46 -4.50 11.95
C ALA B 259 -16.24 -5.30 11.58
N LEU B 260 -16.34 -6.62 11.69
CA LEU B 260 -15.18 -7.49 11.41
C LEU B 260 -14.59 -7.36 10.01
N SER B 261 -15.39 -6.84 9.08
CA SER B 261 -14.93 -6.62 7.71
C SER B 261 -13.87 -5.50 7.59
N LEU B 262 -13.88 -4.55 8.54
CA LEU B 262 -12.78 -3.60 8.76
C LEU B 262 -11.45 -4.30 9.06
N GLU B 263 -11.51 -5.41 9.78
CA GLU B 263 -10.33 -6.24 10.03
C GLU B 263 -9.87 -6.97 8.75
N MET B 264 -10.80 -7.54 7.99
CA MET B 264 -10.46 -8.14 6.71
C MET B 264 -9.81 -7.10 5.78
N ASP B 265 -10.30 -5.87 5.83
CA ASP B 265 -9.71 -4.77 5.04
C ASP B 265 -8.24 -4.60 5.39
N ASP B 266 -7.93 -4.57 6.69
CA ASP B 266 -6.56 -4.34 7.18
C ASP B 266 -5.65 -5.49 6.81
N PHE B 267 -6.19 -6.70 6.92
CA PHE B 267 -5.51 -7.93 6.59
C PHE B 267 -5.12 -7.97 5.09
N ILE B 268 -6.07 -7.66 4.22
CA ILE B 268 -5.78 -7.54 2.76
C ILE B 268 -4.64 -6.55 2.53
N ARG B 269 -4.76 -5.37 3.14
CA ARG B 269 -3.77 -4.31 2.98
C ARG B 269 -2.37 -4.75 3.45
N SER B 270 -2.35 -5.53 4.52
CA SER B 270 -1.11 -6.08 5.07
C SER B 270 -0.42 -7.05 4.17
N VAL B 271 -1.20 -7.98 3.61
CA VAL B 271 -0.61 -8.96 2.71
C VAL B 271 -0.18 -8.30 1.43
N VAL B 272 -0.95 -7.33 0.93
CA VAL B 272 -0.51 -6.57 -0.25
C VAL B 272 0.84 -5.85 0.00
N ALA B 273 1.00 -5.32 1.19
CA ALA B 273 2.19 -4.53 1.51
C ALA B 273 3.38 -5.48 1.57
N ILE B 274 3.18 -6.71 2.06
CA ILE B 274 4.25 -7.72 2.09
C ILE B 274 4.65 -8.11 0.70
N ALA B 275 3.68 -8.39 -0.16
CA ALA B 275 4.02 -8.66 -1.59
C ALA B 275 4.85 -7.54 -2.24
N ASP B 276 4.45 -6.32 -1.98
CA ASP B 276 5.15 -5.16 -2.52
C ASP B 276 6.53 -4.89 -1.87
N TYR B 277 6.72 -5.33 -0.63
CA TYR B 277 8.02 -5.27 0.01
C TYR B 277 8.96 -6.22 -0.72
N VAL B 278 8.52 -7.46 -0.96
CA VAL B 278 9.40 -8.45 -1.54
C VAL B 278 9.68 -8.14 -3.01
N LYS B 279 8.70 -7.58 -3.69
CA LYS B 279 8.92 -7.07 -5.06
C LYS B 279 10.06 -6.11 -5.14
N ALA B 280 10.04 -5.12 -4.25
CA ALA B 280 11.05 -4.08 -4.20
C ALA B 280 12.43 -4.69 -3.79
N LYS B 281 12.43 -5.63 -2.83
CA LYS B 281 13.63 -6.30 -2.41
C LYS B 281 14.26 -7.06 -3.56
N LYS B 282 13.44 -7.65 -4.40
CA LYS B 282 13.95 -8.37 -5.57
C LYS B 282 14.12 -7.53 -6.80
N ARG B 283 13.74 -6.27 -6.76
CA ARG B 283 13.67 -5.39 -8.00
C ARG B 283 12.91 -6.03 -9.15
N SER B 284 11.83 -6.73 -8.83
CA SER B 284 11.06 -7.40 -9.88
C SER B 284 10.04 -6.41 -10.49
N LYS B 285 9.75 -6.59 -11.78
CA LYS B 285 8.71 -5.81 -12.46
C LYS B 285 7.34 -6.50 -12.32
N LYS B 286 7.33 -7.77 -11.91
CA LYS B 286 6.09 -8.52 -11.70
C LYS B 286 5.41 -8.19 -10.36
N THR B 287 4.10 -7.97 -10.40
CA THR B 287 3.31 -7.73 -9.21
C THR B 287 2.66 -9.02 -8.80
N ILE B 288 2.67 -9.35 -7.51
CA ILE B 288 2.03 -10.55 -7.03
C ILE B 288 0.68 -10.13 -6.48
N HIS B 289 -0.36 -10.90 -6.78
CA HIS B 289 -1.68 -10.56 -6.33
C HIS B 289 -2.11 -11.60 -5.32
N LEU B 290 -3.29 -11.41 -4.77
CA LEU B 290 -3.81 -12.20 -3.68
C LEU B 290 -4.90 -13.13 -4.17
N SER B 291 -4.87 -14.34 -3.65
CA SER B 291 -5.96 -15.27 -3.71
C SER B 291 -6.53 -15.43 -2.30
N PHE B 292 -7.72 -14.86 -2.08
CA PHE B 292 -8.37 -14.96 -0.77
C PHE B 292 -9.13 -16.28 -0.77
N ASP B 293 -8.40 -17.39 -0.74
CA ASP B 293 -8.99 -18.68 -1.12
C ASP B 293 -9.57 -19.50 0.03
N GLU B 294 -9.68 -18.91 1.20
CA GLU B 294 -10.69 -19.30 2.18
C GLU B 294 -11.26 -18.09 2.89
N TRP B 295 -12.56 -17.91 2.74
CA TRP B 295 -13.27 -16.94 3.57
C TRP B 295 -14.73 -17.35 3.85
N ASN B 296 -15.22 -17.02 5.03
CA ASN B 296 -16.61 -17.31 5.41
C ASN B 296 -16.86 -17.02 6.90
N VAL B 297 -18.11 -17.01 7.28
CA VAL B 297 -18.45 -17.19 8.68
C VAL B 297 -18.23 -18.68 9.01
N TRP B 298 -17.64 -19.02 10.16
CA TRP B 298 -17.58 -20.41 10.63
C TRP B 298 -17.46 -20.43 12.16
N TYR B 299 -18.47 -20.99 12.84
CA TYR B 299 -18.44 -21.19 14.29
C TYR B 299 -19.57 -22.01 14.87
N HIS B 300 -20.80 -21.92 14.30
CA HIS B 300 -21.98 -22.56 14.90
C HIS B 300 -21.83 -24.05 15.18
N SER B 301 -21.11 -24.75 14.30
CA SER B 301 -21.01 -26.20 14.40
C SER B 301 -19.84 -26.71 15.27
N ASN B 302 -19.07 -25.81 15.87
CA ASN B 302 -17.84 -26.25 16.58
C ASN B 302 -18.16 -27.35 17.62
N GLU B 303 -19.20 -27.14 18.42
CA GLU B 303 -19.53 -28.03 19.53
C GLU B 303 -20.06 -29.40 19.09
N ALA B 304 -20.92 -29.42 18.07
CA ALA B 304 -21.46 -30.68 17.58
C ALA B 304 -20.40 -31.59 16.97
N ASP B 305 -19.38 -30.98 16.37
CA ASP B 305 -18.34 -31.74 15.68
C ASP B 305 -17.47 -32.54 16.68
N LYS B 306 -17.31 -32.01 17.89
CA LYS B 306 -16.57 -32.68 18.98
C LYS B 306 -17.12 -34.08 19.36
N LEU B 307 -18.41 -34.32 19.09
CA LEU B 307 -19.06 -35.59 19.45
C LEU B 307 -18.96 -36.64 18.34
N ILE B 308 -18.48 -36.26 17.16
CA ILE B 308 -18.31 -37.20 16.04
C ILE B 308 -17.11 -38.12 16.26
N GLU B 309 -17.38 -39.42 16.16
CA GLU B 309 -16.39 -40.47 16.38
C GLU B 309 -15.44 -40.57 15.19
N PRO B 310 -14.16 -40.77 15.46
CA PRO B 310 -13.19 -41.00 14.37
C PRO B 310 -13.49 -42.21 13.49
N TRP B 311 -13.14 -42.08 12.22
CA TRP B 311 -13.01 -43.18 11.27
C TRP B 311 -14.32 -43.66 10.68
N THR B 312 -15.23 -42.71 10.49
CA THR B 312 -16.43 -42.94 9.71
C THR B 312 -16.22 -42.36 8.32
N VAL B 313 -17.12 -42.76 7.42
CA VAL B 313 -17.17 -42.24 6.07
C VAL B 313 -18.18 -41.09 6.05
N ALA B 314 -17.70 -39.93 5.56
CA ALA B 314 -18.54 -38.79 5.27
C ALA B 314 -19.33 -38.33 6.50
N PRO B 315 -18.65 -38.08 7.61
CA PRO B 315 -19.32 -37.62 8.83
C PRO B 315 -19.87 -36.22 8.59
N PRO B 316 -20.93 -35.81 9.30
CA PRO B 316 -21.53 -34.47 9.09
C PRO B 316 -20.82 -33.28 9.79
N LEU B 317 -19.57 -33.06 9.39
CA LEU B 317 -18.72 -32.00 9.93
C LEU B 317 -18.92 -30.62 9.30
N LEU B 318 -18.62 -29.61 10.11
CA LEU B 318 -18.59 -28.21 9.72
C LEU B 318 -19.95 -27.68 9.17
N GLU B 319 -21.06 -28.27 9.62
CA GLU B 319 -22.36 -27.97 9.04
C GLU B 319 -23.02 -26.86 9.81
N ASP B 320 -22.42 -25.68 9.72
CA ASP B 320 -23.00 -24.48 10.24
C ASP B 320 -24.36 -24.21 9.59
N ILE B 321 -25.31 -23.77 10.41
CA ILE B 321 -26.58 -23.24 9.93
C ILE B 321 -26.57 -21.73 10.11
N TYR B 322 -26.39 -20.99 9.03
CA TYR B 322 -26.24 -19.56 9.14
C TYR B 322 -27.54 -18.87 9.47
N ASN B 323 -27.40 -17.68 10.05
CA ASN B 323 -28.53 -16.80 10.34
C ASN B 323 -28.45 -15.52 9.51
N PHE B 324 -29.36 -14.59 9.79
CA PHE B 324 -29.42 -13.39 9.02
C PHE B 324 -28.21 -12.46 9.24
N GLU B 325 -27.75 -12.31 10.49
CA GLU B 325 -26.61 -11.42 10.75
C GLU B 325 -25.36 -11.95 10.01
N ASP B 326 -25.31 -13.26 9.80
CA ASP B 326 -24.20 -13.92 9.14
C ASP B 326 -24.18 -13.50 7.70
N ALA B 327 -25.36 -13.38 7.10
CA ALA B 327 -25.48 -12.87 5.72
C ALA B 327 -25.09 -11.42 5.62
N LEU B 328 -25.41 -10.61 6.62
CA LEU B 328 -24.98 -9.23 6.59
C LEU B 328 -23.46 -9.12 6.62
N LEU B 329 -22.81 -9.92 7.44
CA LEU B 329 -21.34 -9.92 7.48
C LEU B 329 -20.76 -10.43 6.18
N VAL B 330 -21.33 -11.49 5.62
CA VAL B 330 -20.85 -12.03 4.34
C VAL B 330 -20.91 -10.95 3.25
N GLY B 331 -22.02 -10.20 3.25
CA GLY B 331 -22.21 -9.01 2.44
C GLY B 331 -21.10 -7.99 2.64
N CYS B 332 -20.78 -7.69 3.88
CA CYS B 332 -19.65 -6.80 4.17
C CYS B 332 -18.31 -7.32 3.66
N MET B 333 -18.11 -8.60 3.79
CA MET B 333 -16.87 -9.26 3.27
C MET B 333 -16.74 -9.21 1.73
N LEU B 334 -17.88 -9.30 1.06
CA LEU B 334 -17.95 -9.30 -0.38
C LEU B 334 -17.63 -7.89 -0.86
N ILE B 335 -18.24 -6.90 -0.26
CA ILE B 335 -17.93 -5.47 -0.55
C ILE B 335 -16.40 -5.15 -0.32
N THR B 336 -15.89 -5.73 0.72
CA THR B 336 -14.47 -5.56 1.06
C THR B 336 -13.61 -6.20 -0.05
N LEU B 337 -13.98 -7.37 -0.54
CA LEU B 337 -13.26 -7.97 -1.66
C LEU B 337 -13.29 -7.03 -2.87
N MET B 338 -14.45 -6.47 -3.21
CA MET B 338 -14.58 -5.56 -4.37
C MET B 338 -13.74 -4.32 -4.17
N LYS B 339 -13.76 -3.81 -2.95
CA LYS B 339 -12.94 -2.68 -2.59
C LYS B 339 -11.46 -2.96 -2.80
N HIS B 340 -11.07 -4.23 -2.93
CA HIS B 340 -9.66 -4.56 -3.19
C HIS B 340 -9.42 -5.26 -4.48
N ALA B 341 -10.31 -4.96 -5.42
CA ALA B 341 -10.35 -5.58 -6.73
C ALA B 341 -9.07 -5.35 -7.52
N ASP B 342 -8.33 -4.30 -7.16
CA ASP B 342 -7.07 -4.02 -7.76
C ASP B 342 -5.97 -5.05 -7.41
N ARG B 343 -6.05 -5.66 -6.23
CA ARG B 343 -5.08 -6.69 -5.82
C ARG B 343 -5.58 -8.09 -5.46
N VAL B 344 -6.87 -8.25 -5.13
CA VAL B 344 -7.41 -9.56 -4.86
C VAL B 344 -8.11 -9.97 -6.15
N LYS B 345 -7.56 -10.99 -6.82
CA LYS B 345 -7.97 -11.46 -8.12
C LYS B 345 -8.66 -12.81 -8.06
N ILE B 346 -8.50 -13.54 -6.97
CA ILE B 346 -9.20 -14.78 -6.75
C ILE B 346 -9.67 -14.79 -5.29
N ALA B 347 -10.76 -15.48 -5.06
CA ALA B 347 -11.37 -15.61 -3.76
C ALA B 347 -12.34 -16.76 -3.78
N CYS B 348 -12.44 -17.43 -2.64
CA CYS B 348 -13.10 -18.71 -2.56
C CYS B 348 -13.87 -18.74 -1.26
N LEU B 349 -15.19 -18.65 -1.38
CA LEU B 349 -16.09 -18.86 -0.26
C LEU B 349 -15.90 -20.30 0.21
N ALA B 350 -15.36 -20.48 1.42
CA ALA B 350 -15.15 -21.80 2.02
C ALA B 350 -16.36 -22.18 2.87
N GLN B 351 -17.15 -23.19 2.50
CA GLN B 351 -17.01 -24.03 1.28
C GLN B 351 -18.38 -24.05 0.55
N LEU B 352 -18.47 -24.76 -0.56
CA LEU B 352 -19.60 -24.62 -1.47
C LEU B 352 -20.87 -25.40 -1.06
N VAL B 353 -20.67 -26.63 -0.59
CA VAL B 353 -21.75 -27.54 -0.27
C VAL B 353 -21.56 -28.26 1.08
N ASN B 354 -22.59 -28.15 1.91
CA ASN B 354 -22.71 -28.77 3.24
C ASN B 354 -21.73 -28.25 4.30
N VAL B 355 -20.47 -28.18 3.91
CA VAL B 355 -19.41 -27.74 4.77
C VAL B 355 -19.32 -26.24 4.76
N ILE B 356 -19.68 -25.62 5.89
CA ILE B 356 -19.73 -24.19 6.04
C ILE B 356 -20.12 -23.53 4.72
N ALA B 357 -21.39 -23.74 4.34
CA ALA B 357 -21.80 -23.64 2.95
C ALA B 357 -23.11 -22.85 2.71
N PRO B 358 -23.20 -22.20 1.55
CA PRO B 358 -24.43 -21.51 1.17
C PRO B 358 -25.48 -22.52 0.67
N ILE B 359 -25.08 -23.75 0.37
CA ILE B 359 -25.99 -24.79 -0.10
C ILE B 359 -25.87 -25.99 0.84
N MET B 360 -27.01 -26.49 1.34
CA MET B 360 -27.08 -27.63 2.25
C MET B 360 -28.00 -28.68 1.65
N THR B 361 -27.72 -29.95 1.92
CA THR B 361 -28.50 -31.06 1.41
C THR B 361 -28.91 -32.03 2.56
N GLU B 362 -29.88 -32.90 2.26
CA GLU B 362 -30.30 -33.98 3.15
C GLU B 362 -30.26 -35.24 2.33
N LYS B 363 -29.92 -36.38 2.93
CA LYS B 363 -29.82 -37.65 2.22
C LYS B 363 -31.18 -37.95 1.59
N ASN B 364 -31.21 -38.36 0.32
CA ASN B 364 -32.46 -38.70 -0.40
C ASN B 364 -33.49 -37.59 -0.28
N GLY B 365 -33.02 -36.38 0.00
CA GLY B 365 -33.87 -35.26 0.39
C GLY B 365 -33.55 -34.04 -0.45
N PRO B 366 -34.07 -32.91 -0.01
CA PRO B 366 -33.84 -31.64 -0.70
C PRO B 366 -32.48 -30.97 -0.46
N ALA B 367 -32.19 -30.02 -1.34
CA ALA B 367 -31.07 -29.12 -1.24
C ALA B 367 -31.68 -27.75 -1.06
N TRP B 368 -31.11 -26.93 -0.17
CA TRP B 368 -31.64 -25.59 0.14
C TRP B 368 -30.54 -24.48 0.27
N LYS B 369 -31.00 -23.24 0.32
CA LYS B 369 -30.16 -22.05 0.36
C LYS B 369 -30.08 -21.47 1.78
N GLN B 370 -28.86 -21.41 2.32
CA GLN B 370 -28.67 -20.75 3.59
C GLN B 370 -28.85 -19.27 3.42
N THR B 371 -28.91 -18.54 4.51
CA THR B 371 -29.04 -17.09 4.44
C THR B 371 -27.95 -16.45 3.62
N ILE B 372 -26.73 -16.99 3.75
CA ILE B 372 -25.57 -16.40 3.08
C ILE B 372 -25.55 -16.61 1.60
N TYR B 373 -26.43 -17.48 1.12
CA TYR B 373 -26.54 -17.71 -0.31
C TYR B 373 -26.87 -16.40 -1.01
N TYR B 374 -27.76 -15.61 -0.42
CA TYR B 374 -28.33 -14.49 -1.17
C TYR B 374 -27.33 -13.39 -1.44
N PRO B 375 -26.61 -12.86 -0.44
CA PRO B 375 -25.63 -11.83 -0.74
C PRO B 375 -24.53 -12.31 -1.66
N PHE B 376 -24.13 -13.56 -1.55
CA PHE B 376 -23.16 -14.10 -2.49
C PHE B 376 -23.70 -14.11 -3.94
N MET B 377 -24.96 -14.52 -4.11
CA MET B 377 -25.56 -14.58 -5.46
C MET B 377 -25.62 -13.18 -6.02
N HIS B 378 -26.05 -12.24 -5.21
CA HIS B 378 -26.18 -10.84 -5.64
C HIS B 378 -24.84 -10.27 -6.07
N ALA B 379 -23.83 -10.58 -5.27
CA ALA B 379 -22.48 -10.08 -5.51
C ALA B 379 -21.93 -10.68 -6.79
N SER B 380 -22.03 -11.97 -6.94
CA SER B 380 -21.63 -12.65 -8.19
C SER B 380 -22.35 -12.25 -9.50
N VAL B 381 -23.67 -12.14 -9.45
CA VAL B 381 -24.48 -11.86 -10.64
C VAL B 381 -24.40 -10.38 -11.06
N TYR B 382 -24.53 -9.49 -10.08
CA TYR B 382 -24.53 -8.07 -10.33
C TYR B 382 -23.16 -7.40 -10.11
N GLY B 383 -22.16 -8.10 -9.57
CA GLY B 383 -20.87 -7.44 -9.31
C GLY B 383 -19.76 -7.68 -10.33
N ARG B 384 -20.13 -7.86 -11.59
CA ARG B 384 -19.15 -7.91 -12.68
C ARG B 384 -19.01 -6.52 -13.29
N GLY B 385 -17.76 -6.10 -13.57
CA GLY B 385 -17.48 -4.78 -14.06
C GLY B 385 -16.31 -4.13 -13.31
N VAL B 386 -16.37 -2.82 -13.14
CA VAL B 386 -15.29 -2.06 -12.50
C VAL B 386 -15.78 -1.59 -11.17
N ALA B 387 -14.99 -1.86 -10.13
CA ALA B 387 -15.27 -1.33 -8.82
C ALA B 387 -14.83 0.10 -8.80
N LEU B 388 -15.71 0.97 -8.31
CA LEU B 388 -15.47 2.39 -8.24
C LEU B 388 -15.05 2.74 -6.84
N HIS B 389 -14.25 3.78 -6.72
CA HIS B 389 -13.77 4.24 -5.43
C HIS B 389 -14.91 4.91 -4.68
N PRO B 390 -15.28 4.34 -3.54
CA PRO B 390 -16.38 4.88 -2.75
C PRO B 390 -15.87 6.10 -2.01
N VAL B 391 -16.60 7.19 -2.18
CA VAL B 391 -16.35 8.41 -1.45
C VAL B 391 -17.59 8.57 -0.63
N ILE B 392 -17.52 8.11 0.61
CA ILE B 392 -18.71 8.14 1.41
C ILE B 392 -18.51 9.03 2.63
N SER B 393 -19.63 9.48 3.16
CA SER B 393 -19.68 10.23 4.38
C SER B 393 -20.79 9.58 5.19
N SER B 394 -20.39 8.79 6.18
CA SER B 394 -21.34 8.06 7.01
C SER B 394 -21.17 8.38 8.50
N PRO B 395 -22.28 8.38 9.22
CA PRO B 395 -22.21 8.34 10.67
C PRO B 395 -21.55 7.03 11.07
N LYS B 396 -21.07 6.96 12.29
CA LYS B 396 -20.17 5.89 12.69
C LYS B 396 -20.34 5.62 14.17
N TYR B 397 -19.85 4.46 14.62
CA TYR B 397 -20.01 3.99 15.98
C TYR B 397 -18.77 3.23 16.50
N ASP B 398 -18.69 3.01 17.81
CA ASP B 398 -17.57 2.26 18.38
C ASP B 398 -18.11 0.97 18.95
N SER B 399 -17.37 -0.11 18.75
CA SER B 399 -17.69 -1.42 19.34
C SER B 399 -16.50 -1.88 20.20
N LYS B 400 -16.59 -3.10 20.76
CA LYS B 400 -15.56 -3.66 21.63
C LYS B 400 -14.16 -3.52 21.02
N ASP B 401 -14.01 -4.00 19.79
CA ASP B 401 -12.72 -4.13 19.11
C ASP B 401 -12.48 -3.11 17.97
N PHE B 402 -13.40 -2.19 17.73
CA PHE B 402 -13.23 -1.25 16.61
C PHE B 402 -13.73 0.13 16.91
N THR B 403 -13.09 1.11 16.27
CA THR B 403 -13.47 2.50 16.42
C THR B 403 -13.89 3.08 15.08
N ASP B 404 -14.80 4.05 15.08
CA ASP B 404 -15.24 4.73 13.84
C ASP B 404 -15.73 3.75 12.72
N VAL B 405 -16.50 2.75 13.14
CA VAL B 405 -17.19 1.79 12.26
C VAL B 405 -18.31 2.52 11.50
N PRO B 406 -18.18 2.65 10.18
CA PRO B 406 -19.25 3.25 9.38
C PRO B 406 -20.53 2.44 9.49
N TYR B 407 -21.65 3.08 9.78
CA TYR B 407 -22.91 2.37 9.70
C TYR B 407 -23.14 1.83 8.27
N LEU B 408 -22.62 2.54 7.28
CA LEU B 408 -22.80 2.19 5.87
C LEU B 408 -21.54 1.50 5.36
N GLU B 409 -21.67 0.25 4.93
CA GLU B 409 -20.65 -0.44 4.15
C GLU B 409 -21.18 -0.52 2.72
N SER B 410 -20.48 0.08 1.78
CA SER B 410 -20.96 0.16 0.41
C SER B 410 -19.87 0.39 -0.63
N ILE B 411 -20.17 -0.10 -1.83
CA ILE B 411 -19.41 0.17 -3.05
C ILE B 411 -20.33 0.08 -4.27
N ALA B 412 -19.99 0.80 -5.32
CA ALA B 412 -20.69 0.69 -6.60
C ALA B 412 -19.80 -0.01 -7.62
N VAL B 413 -20.41 -0.83 -8.48
CA VAL B 413 -19.72 -1.55 -9.53
C VAL B 413 -20.36 -1.12 -10.85
N TYR B 414 -19.54 -0.72 -11.81
CA TYR B 414 -20.01 -0.15 -13.07
C TYR B 414 -19.72 -1.14 -14.14
N ASN B 415 -20.76 -1.55 -14.85
CA ASN B 415 -20.64 -2.48 -15.96
C ASN B 415 -20.99 -1.73 -17.25
N GLU B 416 -19.96 -1.27 -17.94
CA GLU B 416 -20.13 -0.40 -19.10
C GLU B 416 -20.79 -1.14 -20.27
N GLU B 417 -20.52 -2.42 -20.38
CA GLU B 417 -21.10 -3.23 -21.43
C GLU B 417 -22.64 -3.39 -21.30
N LYS B 418 -23.12 -3.58 -20.07
CA LYS B 418 -24.54 -3.76 -19.81
C LYS B 418 -25.17 -2.39 -19.54
N GLU B 419 -24.32 -1.36 -19.46
CA GLU B 419 -24.69 -0.01 -19.06
C GLU B 419 -25.48 0.00 -17.73
N GLU B 420 -24.90 -0.65 -16.72
CA GLU B 420 -25.48 -0.71 -15.37
C GLU B 420 -24.48 -0.30 -14.28
N VAL B 421 -25.01 0.22 -13.19
CA VAL B 421 -24.27 0.54 -11.99
C VAL B 421 -25.00 -0.15 -10.87
N THR B 422 -24.33 -1.01 -10.12
CA THR B 422 -24.93 -1.69 -8.96
C THR B 422 -24.31 -1.14 -7.69
N ILE B 423 -25.13 -0.69 -6.76
CA ILE B 423 -24.66 -0.26 -5.45
C ILE B 423 -24.97 -1.33 -4.41
N PHE B 424 -23.94 -1.93 -3.83
CA PHE B 424 -24.14 -2.84 -2.75
C PHE B 424 -23.99 -2.07 -1.48
N ALA B 425 -24.86 -2.33 -0.51
CA ALA B 425 -24.82 -1.57 0.72
C ALA B 425 -25.43 -2.33 1.87
N VAL B 426 -24.69 -2.33 2.98
CA VAL B 426 -25.19 -2.80 4.24
C VAL B 426 -25.40 -1.58 5.14
N ASN B 427 -26.47 -1.63 5.92
CA ASN B 427 -26.69 -0.70 7.01
C ASN B 427 -26.45 -1.56 8.24
N ARG B 428 -25.38 -1.29 8.99
CA ARG B 428 -25.09 -2.05 10.22
C ARG B 428 -25.93 -1.58 11.39
N ASP B 429 -26.56 -0.42 11.26
CA ASP B 429 -27.36 0.15 12.36
C ASP B 429 -28.41 -0.86 12.87
N MET B 430 -28.37 -1.13 14.16
CA MET B 430 -29.29 -2.09 14.78
C MET B 430 -30.65 -1.49 15.14
N GLU B 431 -30.77 -0.16 15.15
CA GLU B 431 -32.04 0.50 15.50
C GLU B 431 -32.61 1.32 14.33
N ASP B 432 -31.77 2.14 13.70
CA ASP B 432 -32.27 3.13 12.72
C ASP B 432 -32.00 2.84 11.23
N ALA B 433 -32.99 3.18 10.42
CA ALA B 433 -32.79 3.30 9.00
C ALA B 433 -31.72 4.33 8.67
N LEU B 434 -31.14 4.17 7.49
CA LEU B 434 -30.12 5.07 7.04
C LEU B 434 -30.57 5.58 5.67
N LEU B 435 -30.73 6.89 5.56
CA LEU B 435 -31.12 7.59 4.35
C LEU B 435 -29.89 7.86 3.50
N LEU B 436 -29.69 7.04 2.48
CA LEU B 436 -28.54 7.15 1.61
C LEU B 436 -28.83 8.08 0.46
N GLU B 437 -28.00 9.10 0.27
CA GLU B 437 -28.07 9.88 -0.95
C GLU B 437 -26.78 9.70 -1.79
N CYS B 438 -26.96 9.26 -3.03
CA CYS B 438 -25.87 8.98 -3.95
C CYS B 438 -25.82 10.00 -5.08
N ASP B 439 -24.73 10.75 -5.14
CA ASP B 439 -24.48 11.65 -6.24
C ASP B 439 -24.10 10.84 -7.50
N VAL B 440 -25.00 10.84 -8.50
CA VAL B 440 -24.82 10.08 -9.76
C VAL B 440 -24.78 10.96 -11.03
N ARG B 441 -24.22 12.15 -10.87
CA ARG B 441 -24.02 13.10 -11.98
C ARG B 441 -23.20 12.57 -13.15
N SER B 442 -22.21 11.72 -12.87
CA SER B 442 -21.36 11.18 -13.93
C SER B 442 -22.02 10.01 -14.72
N PHE B 443 -23.24 9.63 -14.33
CA PHE B 443 -24.03 8.64 -15.06
C PHE B 443 -25.35 9.26 -15.59
N GLU B 444 -25.22 9.97 -16.72
CA GLU B 444 -26.35 10.70 -17.33
C GLU B 444 -27.36 9.72 -17.85
N ASP B 445 -28.64 10.03 -17.68
CA ASP B 445 -29.74 9.18 -18.16
C ASP B 445 -29.89 7.81 -17.45
N TYR B 446 -29.26 7.62 -16.29
CA TYR B 446 -29.41 6.36 -15.57
C TYR B 446 -30.66 6.42 -14.68
N ARG B 447 -31.38 5.30 -14.65
CA ARG B 447 -32.60 5.19 -13.83
C ARG B 447 -32.44 4.07 -12.83
N VAL B 448 -33.23 4.11 -11.78
CA VAL B 448 -33.33 2.97 -10.91
C VAL B 448 -34.07 1.84 -11.66
N ILE B 449 -33.51 0.63 -11.62
CA ILE B 449 -34.11 -0.55 -12.21
C ILE B 449 -34.89 -1.23 -11.10
N GLU B 450 -34.20 -1.48 -9.99
CA GLU B 450 -34.76 -2.13 -8.83
C GLU B 450 -33.91 -1.91 -7.58
N HIS B 451 -34.52 -2.11 -6.42
CA HIS B 451 -33.84 -2.02 -5.13
C HIS B 451 -34.19 -3.30 -4.37
N ILE B 452 -33.23 -4.23 -4.32
CA ILE B 452 -33.36 -5.48 -3.60
C ILE B 452 -32.95 -5.28 -2.15
N VAL B 453 -33.66 -5.95 -1.24
CA VAL B 453 -33.39 -5.84 0.19
C VAL B 453 -33.46 -7.22 0.80
N LEU B 454 -32.50 -7.53 1.66
CA LEU B 454 -32.52 -8.72 2.49
C LEU B 454 -32.49 -8.21 3.92
N GLU B 455 -33.53 -8.48 4.67
CA GLU B 455 -33.70 -7.97 6.01
C GLU B 455 -34.55 -8.95 6.79
N HIS B 456 -34.36 -8.97 8.09
CA HIS B 456 -35.20 -9.74 8.98
C HIS B 456 -35.10 -9.17 10.39
N ASP B 457 -36.21 -9.13 11.12
CA ASP B 457 -36.21 -8.59 12.48
C ASP B 457 -35.30 -9.40 13.40
N ASN B 458 -35.31 -10.72 13.28
CA ASN B 458 -34.50 -11.55 14.16
C ASN B 458 -33.14 -11.91 13.52
N VAL B 459 -32.05 -11.30 13.99
CA VAL B 459 -30.73 -11.62 13.46
C VAL B 459 -30.34 -13.08 13.55
N LYS B 460 -30.94 -13.80 14.51
CA LYS B 460 -30.59 -15.20 14.75
C LYS B 460 -31.42 -16.15 13.93
N GLN B 461 -32.32 -15.61 13.11
CA GLN B 461 -33.19 -16.44 12.31
C GLN B 461 -32.37 -17.10 11.22
N THR B 462 -32.57 -18.39 11.05
CA THR B 462 -31.91 -19.16 10.00
C THR B 462 -32.96 -19.63 9.00
N ASN B 463 -32.47 -20.13 7.86
CA ASN B 463 -33.28 -20.91 6.93
C ASN B 463 -33.10 -22.40 7.20
N SER B 464 -33.88 -23.22 6.51
CA SER B 464 -33.91 -24.66 6.73
C SER B 464 -34.48 -25.36 5.50
N ALA B 465 -34.42 -26.68 5.47
CA ALA B 465 -35.02 -27.44 4.38
C ALA B 465 -36.54 -27.18 4.28
N GLN B 466 -37.15 -26.84 5.42
CA GLN B 466 -38.60 -26.77 5.58
C GLN B 466 -39.20 -25.37 5.34
N SER B 467 -38.49 -24.30 5.74
CA SER B 467 -38.89 -22.91 5.44
C SER B 467 -37.71 -21.94 5.37
N SER B 468 -37.89 -20.85 4.62
CA SER B 468 -36.88 -19.82 4.46
C SER B 468 -37.44 -18.46 4.78
N PRO B 469 -37.53 -18.10 6.06
CA PRO B 469 -37.97 -16.75 6.44
C PRO B 469 -37.04 -15.63 5.92
N VAL B 470 -35.79 -15.97 5.60
CA VAL B 470 -34.77 -15.03 5.21
C VAL B 470 -34.54 -15.13 3.72
N VAL B 471 -35.25 -14.30 2.98
CA VAL B 471 -35.12 -14.26 1.52
C VAL B 471 -35.16 -12.80 1.09
N PRO B 472 -34.62 -12.50 -0.08
CA PRO B 472 -34.69 -11.14 -0.61
C PRO B 472 -36.14 -10.74 -0.95
N HIS B 473 -36.40 -9.45 -0.97
CA HIS B 473 -37.63 -8.90 -1.51
C HIS B 473 -37.19 -7.72 -2.34
N ARG B 474 -38.11 -7.17 -3.14
CA ARG B 474 -37.79 -6.06 -4.05
C ARG B 474 -38.54 -4.78 -3.67
N ASN B 475 -38.85 -4.58 -2.39
CA ASN B 475 -39.65 -3.43 -2.00
C ASN B 475 -38.79 -2.26 -1.57
N GLY B 476 -37.56 -2.23 -2.07
CA GLY B 476 -36.70 -1.11 -1.81
C GLY B 476 -37.16 0.15 -2.52
N ASP B 477 -37.00 1.31 -1.87
CA ASP B 477 -37.60 2.59 -2.32
C ASP B 477 -36.68 3.54 -3.06
N ALA B 478 -35.52 3.05 -3.49
CA ALA B 478 -34.57 3.86 -4.23
C ALA B 478 -35.26 4.60 -5.42
N GLN B 479 -34.97 5.89 -5.53
CA GLN B 479 -35.50 6.69 -6.62
C GLN B 479 -34.43 7.70 -7.09
N LEU B 480 -34.33 7.89 -8.40
CA LEU B 480 -33.57 8.97 -9.02
C LEU B 480 -34.44 10.22 -9.13
N SER B 481 -33.90 11.34 -8.67
CA SER B 481 -34.43 12.66 -9.02
C SER B 481 -33.30 13.71 -8.89
N ASP B 482 -33.10 14.48 -9.97
CA ASP B 482 -32.12 15.57 -10.00
C ASP B 482 -30.66 15.08 -9.81
N ARG B 483 -30.28 14.08 -10.61
CA ARG B 483 -28.92 13.54 -10.62
C ARG B 483 -28.50 12.93 -9.28
N LYS B 484 -29.46 12.45 -8.50
CA LYS B 484 -29.19 11.85 -7.19
C LYS B 484 -30.13 10.68 -6.83
N VAL B 485 -29.55 9.58 -6.37
CA VAL B 485 -30.34 8.44 -5.93
C VAL B 485 -30.51 8.53 -4.43
N SER B 486 -31.76 8.56 -3.99
CA SER B 486 -32.09 8.56 -2.59
C SER B 486 -32.71 7.20 -2.26
N ALA B 487 -32.20 6.55 -1.25
CA ALA B 487 -32.70 5.24 -0.87
C ALA B 487 -32.68 5.11 0.65
N THR B 488 -33.73 4.50 1.18
CA THR B 488 -33.85 4.16 2.59
C THR B 488 -33.32 2.76 2.77
N LEU B 489 -32.23 2.63 3.51
CA LEU B 489 -31.70 1.33 3.86
C LEU B 489 -32.23 1.00 5.24
N PRO B 490 -33.06 -0.03 5.38
CA PRO B 490 -33.56 -0.39 6.71
C PRO B 490 -32.42 -0.76 7.64
N LYS B 491 -32.65 -0.60 8.93
CA LYS B 491 -31.75 -1.16 9.93
C LYS B 491 -31.40 -2.61 9.57
N LEU B 492 -30.14 -2.96 9.80
CA LEU B 492 -29.63 -4.31 9.56
C LEU B 492 -30.16 -4.87 8.25
N SER B 493 -29.76 -4.21 7.15
CA SER B 493 -30.19 -4.65 5.82
C SER B 493 -28.99 -4.77 4.86
N TRP B 494 -29.11 -5.69 3.90
CA TRP B 494 -28.25 -5.80 2.73
C TRP B 494 -29.12 -5.33 1.57
N ASN B 495 -28.59 -4.38 0.81
CA ASN B 495 -29.30 -3.72 -0.25
C ASN B 495 -28.52 -3.82 -1.54
N VAL B 496 -29.20 -4.13 -2.64
CA VAL B 496 -28.61 -4.04 -3.97
C VAL B 496 -29.48 -3.06 -4.81
N ILE B 497 -28.95 -1.88 -5.07
CA ILE B 497 -29.57 -0.84 -5.88
C ILE B 497 -29.01 -0.92 -7.32
N ARG B 498 -29.87 -1.25 -8.26
CA ARG B 498 -29.46 -1.43 -9.64
C ARG B 498 -29.98 -0.26 -10.46
N LEU B 499 -29.06 0.40 -11.17
CA LEU B 499 -29.31 1.52 -12.02
C LEU B 499 -28.93 1.13 -13.44
N GLY B 500 -29.59 1.69 -14.45
CA GLY B 500 -29.22 1.47 -15.84
C GLY B 500 -29.70 2.53 -16.83
N LYS B 501 -29.20 2.44 -18.07
CA LYS B 501 -29.51 3.27 -19.25
C LYS B 501 -28.47 4.37 -19.34
#